data_7YSX
#
_entry.id   7YSX
#
_cell.length_a   57.479
_cell.length_b   80.642
_cell.length_c   163.274
_cell.angle_alpha   90.000
_cell.angle_beta   90.000
_cell.angle_gamma   90.000
#
_symmetry.space_group_name_H-M   'P 21 21 21'
#
loop_
_entity.id
_entity.type
_entity.pdbx_description
1 polymer "cAMP-specific 3',5'-cyclic phosphodiesterase 4D"
2 non-polymer 'ZINC ION'
3 non-polymer 'MAGNESIUM ION'
4 non-polymer 3-[3-(3-methylbut-2-enyl)-2,4-bis(oxidanyl)phenyl]-5,7-bis(oxidanyl)chromen-4-one
5 non-polymer 1,2-ETHANEDIOL
6 water water
#
_entity_poly.entity_id   1
_entity_poly.type   'polypeptide(L)'
_entity_poly.pdbx_seq_one_letter_code
;MGSSHHHHHHSSGLVPRGSHMTEQEDVLAKELEDVNKWGLHVFRIAELSGNRPLTVIMHTIFQERDLLKTFKIPVDTLIT
YLMTLEDHYHADVAYHNNIHAADVVQSTHVLLSTPALEAVFTDLEILAAIFASAIHDVDHPGVSNQFLINTNSELALMYN
DSSVLENHHLAVGFKLLQEENCDIFQNLTKKQRQSLRKMVIDIVLATDMSKHMNLLADLKTMVETKKVTSSGVLLLDNYS
DRIQVLQNMVHCADLSNPTKPLQLYRQWTDRIMEEFFRQGDRERERGMEISPMCDKHNASVEKSQVGFIDYIVHPLWETW
ADLVHPDAQDILDTLEDNREWYQSTIPQS
;
_entity_poly.pdbx_strand_id   A,B
#
loop_
_chem_comp.id
_chem_comp.type
_chem_comp.name
_chem_comp.formula
EDO non-polymer 1,2-ETHANEDIOL 'C2 H6 O2'
JU3 non-polymer 3-[3-(3-methylbut-2-enyl)-2,4-bis(oxidanyl)phenyl]-5,7-bis(oxidanyl)chromen-4-one 'C20 H18 O6'
MG non-polymer 'MAGNESIUM ION' 'Mg 2'
ZN non-polymer 'ZINC ION' 'Zn 2'
#
# COMPACT_ATOMS: atom_id res chain seq x y z
N GLN A 24 13.46 0.46 43.84
CA GLN A 24 13.34 -0.03 42.47
C GLN A 24 13.14 1.10 41.48
N GLU A 25 12.40 2.13 41.90
CA GLU A 25 12.27 3.31 41.04
C GLU A 25 13.58 4.07 40.98
N ASP A 26 14.35 4.09 42.08
CA ASP A 26 15.67 4.70 42.06
C ASP A 26 16.58 3.99 41.06
N VAL A 27 16.56 2.65 41.06
CA VAL A 27 17.38 1.91 40.11
C VAL A 27 16.92 2.15 38.68
N LEU A 28 15.59 2.23 38.48
CA LEU A 28 15.10 2.51 37.14
C LEU A 28 15.59 3.85 36.65
N ALA A 29 15.54 4.87 37.53
CA ALA A 29 15.94 6.21 37.14
C ALA A 29 17.42 6.24 36.77
N LYS A 30 18.26 5.54 37.54
CA LYS A 30 19.67 5.45 37.23
C LYS A 30 19.90 4.83 35.86
N GLU A 31 19.19 3.73 35.57
CA GLU A 31 19.36 3.10 34.26
C GLU A 31 18.90 4.02 33.13
N LEU A 32 17.84 4.80 33.36
CA LEU A 32 17.38 5.69 32.30
C LEU A 32 18.35 6.85 32.05
N GLU A 33 19.33 7.07 32.94
CA GLU A 33 20.36 8.04 32.63
C GLU A 33 21.23 7.62 31.45
N ASP A 34 21.16 6.36 31.04
CA ASP A 34 21.94 5.88 29.89
C ASP A 34 21.18 6.00 28.58
N VAL A 35 20.09 6.75 28.53
CA VAL A 35 19.25 6.77 27.34
C VAL A 35 19.99 7.30 26.10
N ASN A 36 21.06 8.05 26.28
CA ASN A 36 21.78 8.56 25.12
C ASN A 36 22.87 7.61 24.65
N LYS A 37 22.95 6.40 25.20
CA LYS A 37 24.10 5.53 24.98
C LYS A 37 23.71 4.28 24.20
N TRP A 38 24.57 3.90 23.25
CA TRP A 38 24.41 2.62 22.58
C TRP A 38 24.73 1.50 23.56
N GLY A 39 23.81 0.54 23.73
CA GLY A 39 24.02 -0.51 24.72
C GLY A 39 23.25 -0.35 26.01
N LEU A 40 22.29 0.58 26.05
CA LEU A 40 21.34 0.71 27.14
C LEU A 40 20.85 -0.64 27.64
N HIS A 41 20.75 -0.79 28.97
CA HIS A 41 20.28 -2.07 29.53
C HIS A 41 18.77 -2.17 29.39
N VAL A 42 18.32 -2.42 28.17
CA VAL A 42 16.90 -2.27 27.89
C VAL A 42 16.10 -3.42 28.52
N PHE A 43 16.69 -4.60 28.67
CA PHE A 43 15.94 -5.67 29.33
C PHE A 43 15.80 -5.38 30.80
N ARG A 44 16.83 -4.80 31.41
CA ARG A 44 16.73 -4.45 32.82
C ARG A 44 15.69 -3.36 33.02
N ILE A 45 15.64 -2.37 32.12
CA ILE A 45 14.63 -1.33 32.22
C ILE A 45 13.25 -1.92 32.04
N ALA A 46 13.09 -2.92 31.16
CA ALA A 46 11.78 -3.56 31.04
C ALA A 46 11.34 -4.18 32.35
N GLU A 47 12.26 -4.85 33.06
CA GLU A 47 11.92 -5.44 34.36
C GLU A 47 11.66 -4.35 35.39
N LEU A 48 12.55 -3.36 35.47
CA LEU A 48 12.47 -2.36 36.53
C LEU A 48 11.23 -1.49 36.38
N SER A 49 10.72 -1.37 35.16
CA SER A 49 9.57 -0.53 34.90
C SER A 49 8.25 -1.28 34.98
N GLY A 50 8.27 -2.56 35.35
CA GLY A 50 7.04 -3.32 35.37
C GLY A 50 6.54 -3.61 33.97
N ASN A 51 7.45 -4.02 33.08
CA ASN A 51 7.15 -4.31 31.68
C ASN A 51 6.59 -3.09 30.95
N ARG A 52 7.14 -1.92 31.27
CA ARG A 52 6.75 -0.70 30.58
C ARG A 52 7.98 -0.03 29.98
N PRO A 53 8.88 -0.77 29.32
CA PRO A 53 10.04 -0.10 28.73
C PRO A 53 9.67 0.91 27.67
N LEU A 54 8.69 0.64 26.81
CA LEU A 54 8.39 1.61 25.77
C LEU A 54 7.90 2.92 26.38
N THR A 55 7.05 2.83 27.40
CA THR A 55 6.51 4.04 28.03
C THR A 55 7.63 4.86 28.69
N VAL A 56 8.47 4.20 29.50
CA VAL A 56 9.42 5.00 30.27
C VAL A 56 10.53 5.50 29.37
N ILE A 57 10.93 4.72 28.36
CA ILE A 57 12.00 5.18 27.46
C ILE A 57 11.48 6.29 26.53
N MET A 58 10.27 6.16 26.00
CA MET A 58 9.70 7.26 25.21
C MET A 58 9.54 8.51 26.06
N HIS A 59 9.02 8.37 27.27
CA HIS A 59 8.85 9.56 28.11
C HIS A 59 10.20 10.20 28.40
N THR A 60 11.22 9.38 28.69
CA THR A 60 12.54 9.93 28.99
C THR A 60 13.10 10.68 27.77
N ILE A 61 12.99 10.07 26.59
CA ILE A 61 13.49 10.69 25.36
C ILE A 61 12.71 11.97 25.04
N PHE A 62 11.39 11.95 25.25
CA PHE A 62 10.63 13.18 25.01
C PHE A 62 11.07 14.30 25.94
N GLN A 63 11.38 13.98 27.21
CA GLN A 63 11.88 15.02 28.11
C GLN A 63 13.27 15.46 27.71
N GLU A 64 14.12 14.51 27.29
CA GLU A 64 15.50 14.84 26.92
C GLU A 64 15.53 15.80 25.72
N ARG A 65 14.63 15.61 24.76
CA ARG A 65 14.56 16.44 23.56
C ARG A 65 13.58 17.60 23.70
N ASP A 66 13.00 17.80 24.88
CA ASP A 66 12.09 18.93 25.14
C ASP A 66 10.87 18.90 24.23
N LEU A 67 10.44 17.69 23.84
CA LEU A 67 9.37 17.56 22.86
C LEU A 67 8.00 17.88 23.46
N LEU A 68 7.80 17.62 24.75
CA LEU A 68 6.52 18.03 25.35
C LEU A 68 6.36 19.54 25.29
N LYS A 69 7.42 20.28 25.61
CA LYS A 69 7.32 21.73 25.56
C LYS A 69 7.18 22.22 24.13
N THR A 70 7.97 21.65 23.21
CA THR A 70 7.99 22.15 21.83
C THR A 70 6.64 21.97 21.16
N PHE A 71 6.00 20.84 21.40
CA PHE A 71 4.75 20.52 20.73
C PHE A 71 3.56 20.60 21.67
N LYS A 72 3.75 21.18 22.86
CA LYS A 72 2.65 21.42 23.79
C LYS A 72 1.88 20.13 24.06
N ILE A 73 2.62 19.05 24.25
CA ILE A 73 2.06 17.73 24.58
C ILE A 73 1.76 17.65 26.06
N PRO A 74 0.50 17.49 26.49
CA PRO A 74 0.24 17.34 27.93
C PRO A 74 0.85 16.03 28.41
N VAL A 75 1.48 16.06 29.59
CA VAL A 75 2.23 14.87 30.00
C VAL A 75 1.29 13.69 30.24
N ASP A 76 0.10 13.95 30.80
CA ASP A 76 -0.84 12.86 31.05
C ASP A 76 -1.32 12.22 29.74
N THR A 77 -1.49 13.04 28.71
CA THR A 77 -1.85 12.53 27.38
C THR A 77 -0.73 11.66 26.82
N LEU A 78 0.52 12.13 26.95
CA LEU A 78 1.64 11.33 26.46
C LEU A 78 1.69 9.96 27.16
N ILE A 79 1.53 9.95 28.49
CA ILE A 79 1.62 8.69 29.22
C ILE A 79 0.45 7.79 28.87
N THR A 80 -0.76 8.36 28.75
CA THR A 80 -1.92 7.55 28.41
C THR A 80 -1.74 6.90 27.04
N TYR A 81 -1.30 7.69 26.06
CA TYR A 81 -1.06 7.12 24.73
C TYR A 81 0.01 6.06 24.78
N LEU A 82 1.12 6.37 25.45
CA LEU A 82 2.22 5.40 25.45
C LEU A 82 1.82 4.08 26.10
N MET A 83 1.06 4.16 27.19
CA MET A 83 0.61 2.94 27.86
C MET A 83 -0.35 2.16 26.98
N THR A 84 -1.22 2.86 26.24
CA THR A 84 -2.14 2.17 25.35
C THR A 84 -1.39 1.53 24.18
N LEU A 85 -0.43 2.27 23.60
CA LEU A 85 0.38 1.75 22.51
C LEU A 85 1.16 0.53 22.97
N GLU A 86 1.79 0.61 24.15
CA GLU A 86 2.55 -0.52 24.66
C GLU A 86 1.65 -1.72 24.91
N ASP A 87 0.41 -1.48 25.32
CA ASP A 87 -0.52 -2.57 25.52
C ASP A 87 -0.82 -3.30 24.22
N HIS A 88 -0.73 -2.62 23.10
CA HIS A 88 -1.07 -3.25 21.83
C HIS A 88 0.11 -3.95 21.19
N TYR A 89 1.26 -3.98 21.84
CA TYR A 89 2.26 -4.99 21.52
C TYR A 89 1.92 -6.28 22.25
N HIS A 90 2.24 -7.43 21.64
CA HIS A 90 1.84 -8.70 22.23
C HIS A 90 2.86 -9.15 23.26
N ALA A 91 2.42 -9.31 24.51
CA ALA A 91 3.33 -9.81 25.53
C ALA A 91 3.72 -11.27 25.32
N ASP A 92 2.99 -12.02 24.50
CA ASP A 92 3.32 -13.43 24.28
C ASP A 92 4.10 -13.67 23.00
N VAL A 93 4.64 -12.63 22.38
CA VAL A 93 5.51 -12.77 21.22
C VAL A 93 6.92 -12.51 21.71
N ALA A 94 7.86 -13.43 21.41
CA ALA A 94 9.17 -13.40 22.07
C ALA A 94 10.03 -12.23 21.64
N TYR A 95 9.94 -11.83 20.36
CA TYR A 95 10.82 -10.78 19.85
C TYR A 95 10.06 -9.50 19.52
N HIS A 96 9.05 -9.58 18.65
CA HIS A 96 8.35 -8.39 18.14
C HIS A 96 7.34 -7.90 19.17
N ASN A 97 7.88 -7.41 20.28
CA ASN A 97 7.07 -6.99 21.43
C ASN A 97 7.47 -5.58 21.86
N ASN A 98 6.94 -5.12 23.00
CA ASN A 98 7.21 -3.76 23.44
C ASN A 98 8.68 -3.51 23.77
N ILE A 99 9.46 -4.56 24.13
CA ILE A 99 10.88 -4.35 24.41
C ILE A 99 11.63 -4.04 23.12
N HIS A 100 11.31 -4.78 22.05
CA HIS A 100 11.84 -4.44 20.72
C HIS A 100 11.46 -3.03 20.33
N ALA A 101 10.20 -2.63 20.54
CA ALA A 101 9.81 -1.28 20.18
C ALA A 101 10.63 -0.25 20.95
N ALA A 102 10.78 -0.45 22.25
CA ALA A 102 11.54 0.49 23.06
C ALA A 102 12.99 0.56 22.61
N ASP A 103 13.56 -0.60 22.27
CA ASP A 103 14.94 -0.66 21.77
C ASP A 103 15.09 0.11 20.47
N VAL A 104 14.14 -0.05 19.53
CA VAL A 104 14.25 0.65 18.25
C VAL A 104 14.09 2.14 18.45
N VAL A 105 13.17 2.55 19.35
CA VAL A 105 13.03 3.96 19.72
C VAL A 105 14.34 4.51 20.23
N GLN A 106 14.96 3.83 21.20
CA GLN A 106 16.15 4.35 21.82
C GLN A 106 17.32 4.34 20.85
N SER A 107 17.37 3.35 19.96
CA SER A 107 18.44 3.31 18.98
C SER A 107 18.29 4.44 17.98
N THR A 108 17.05 4.69 17.51
CA THR A 108 16.79 5.82 16.64
C THR A 108 17.15 7.12 17.31
N HIS A 109 16.81 7.25 18.60
CA HIS A 109 17.18 8.44 19.36
C HIS A 109 18.69 8.68 19.36
N VAL A 110 19.49 7.63 19.59
CA VAL A 110 20.94 7.80 19.51
C VAL A 110 21.37 8.15 18.08
N LEU A 111 20.83 7.46 17.08
CA LEU A 111 21.26 7.74 15.70
C LEU A 111 20.93 9.19 15.31
N LEU A 112 19.81 9.72 15.80
CA LEU A 112 19.43 11.10 15.52
C LEU A 112 20.40 12.10 16.13
N SER A 113 21.13 11.73 17.19
CA SER A 113 22.05 12.63 17.85
C SER A 113 23.44 12.61 17.24
N THR A 114 23.64 11.90 16.14
CA THR A 114 24.99 11.74 15.63
C THR A 114 25.51 13.10 15.12
N PRO A 115 26.79 13.39 15.36
CA PRO A 115 27.31 14.72 15.00
C PRO A 115 27.09 15.09 13.53
N ALA A 116 27.18 14.12 12.62
CA ALA A 116 27.00 14.39 11.18
C ALA A 116 25.59 14.83 10.83
N LEU A 117 24.64 14.71 11.76
CA LEU A 117 23.26 15.16 11.51
C LEU A 117 22.85 16.32 12.40
N GLU A 118 23.80 16.98 13.05
CA GLU A 118 23.42 18.04 13.98
C GLU A 118 22.73 19.18 13.23
N ALA A 119 21.55 19.56 13.71
CA ALA A 119 20.73 20.64 13.15
C ALA A 119 20.23 20.33 11.75
N VAL A 120 20.32 19.07 11.32
CA VAL A 120 19.85 18.73 9.98
C VAL A 120 18.32 18.59 9.96
N PHE A 121 17.75 17.92 10.95
CA PHE A 121 16.32 17.65 10.96
C PHE A 121 15.55 18.61 11.84
N THR A 122 14.33 18.93 11.41
CA THR A 122 13.48 19.81 12.22
C THR A 122 12.96 19.05 13.44
N ASP A 123 12.41 19.81 14.40
CA ASP A 123 11.73 19.16 15.51
C ASP A 123 10.60 18.24 15.03
N LEU A 124 9.87 18.62 13.97
CA LEU A 124 8.78 17.76 13.52
C LEU A 124 9.29 16.46 12.92
N GLU A 125 10.40 16.52 12.17
CA GLU A 125 10.97 15.30 11.62
C GLU A 125 11.54 14.40 12.71
N ILE A 126 12.16 15.00 13.73
CA ILE A 126 12.63 14.23 14.89
C ILE A 126 11.45 13.56 15.58
N LEU A 127 10.36 14.31 15.79
CA LEU A 127 9.16 13.72 16.37
C LEU A 127 8.63 12.59 15.51
N ALA A 128 8.61 12.78 14.19
CA ALA A 128 8.13 11.73 13.29
C ALA A 128 8.99 10.47 13.39
N ALA A 129 10.30 10.61 13.39
CA ALA A 129 11.17 9.44 13.42
C ALA A 129 11.03 8.67 14.72
N ILE A 130 10.94 9.39 15.85
CA ILE A 130 10.78 8.69 17.13
C ILE A 130 9.40 8.06 17.24
N PHE A 131 8.34 8.79 16.84
CA PHE A 131 7.01 8.19 16.88
C PHE A 131 6.92 6.97 15.96
N ALA A 132 7.46 7.10 14.75
CA ALA A 132 7.44 5.95 13.84
C ALA A 132 8.11 4.75 14.48
N SER A 133 9.28 4.97 15.11
CA SER A 133 9.97 3.86 15.79
C SER A 133 9.09 3.23 16.87
N ALA A 134 8.38 4.06 17.63
CA ALA A 134 7.57 3.52 18.72
C ALA A 134 6.43 2.65 18.22
N ILE A 135 5.79 3.05 17.10
CA ILE A 135 4.65 2.29 16.61
C ILE A 135 5.02 1.21 15.60
N HIS A 136 6.31 1.09 15.23
CA HIS A 136 6.63 0.46 13.95
C HIS A 136 6.32 -1.03 13.89
N ASP A 137 6.12 -1.70 15.03
CA ASP A 137 5.76 -3.12 15.03
C ASP A 137 4.51 -3.38 15.87
N VAL A 138 3.66 -2.36 16.11
CA VAL A 138 2.59 -2.57 17.10
C VAL A 138 1.59 -3.61 16.60
N ASP A 139 1.11 -4.45 17.53
CA ASP A 139 0.17 -5.54 17.21
C ASP A 139 0.79 -6.58 16.26
N HIS A 140 2.12 -6.73 16.29
CA HIS A 140 2.78 -7.77 15.50
C HIS A 140 2.37 -9.15 16.02
N PRO A 141 1.90 -10.06 15.16
CA PRO A 141 1.44 -11.36 15.63
C PRO A 141 2.56 -12.39 15.81
N GLY A 142 3.79 -12.05 15.44
CA GLY A 142 4.89 -12.97 15.59
C GLY A 142 5.11 -13.91 14.43
N VAL A 143 4.53 -13.61 13.27
CA VAL A 143 4.77 -14.35 12.05
C VAL A 143 5.01 -13.34 10.94
N SER A 144 5.64 -13.80 9.87
CA SER A 144 6.12 -12.94 8.80
C SER A 144 5.00 -12.56 7.81
N ASN A 145 5.28 -11.52 7.03
CA ASN A 145 4.40 -11.19 5.91
C ASN A 145 4.14 -12.40 5.02
N GLN A 146 5.19 -13.14 4.68
CA GLN A 146 4.97 -14.25 3.76
C GLN A 146 4.07 -15.32 4.37
N PHE A 147 4.23 -15.57 5.69
CA PHE A 147 3.33 -16.51 6.35
C PHE A 147 1.89 -16.02 6.28
N LEU A 148 1.67 -14.74 6.57
CA LEU A 148 0.32 -14.19 6.53
C LEU A 148 -0.27 -14.25 5.13
N ILE A 149 0.57 -14.06 4.12
CA ILE A 149 0.09 -14.15 2.73
C ILE A 149 -0.26 -15.60 2.39
N ASN A 150 0.65 -16.53 2.68
CA ASN A 150 0.48 -17.90 2.26
C ASN A 150 -0.61 -18.63 3.04
N THR A 151 -0.99 -18.13 4.22
CA THR A 151 -2.06 -18.74 4.98
C THR A 151 -3.40 -18.06 4.74
N ASN A 152 -3.46 -17.12 3.80
CA ASN A 152 -4.72 -16.45 3.44
C ASN A 152 -5.34 -15.74 4.64
N SER A 153 -4.49 -15.08 5.42
CA SER A 153 -4.89 -14.41 6.65
C SER A 153 -5.79 -13.22 6.35
N GLU A 154 -6.60 -12.86 7.34
CA GLU A 154 -7.43 -11.66 7.20
C GLU A 154 -6.58 -10.42 6.96
N LEU A 155 -5.42 -10.32 7.63
CA LEU A 155 -4.53 -9.18 7.41
C LEU A 155 -4.07 -9.11 5.96
N ALA A 156 -3.67 -10.24 5.39
CA ALA A 156 -3.20 -10.19 4.02
C ALA A 156 -4.35 -9.92 3.06
N LEU A 157 -5.56 -10.37 3.41
CA LEU A 157 -6.73 -10.04 2.60
C LEU A 157 -7.03 -8.54 2.68
N MET A 158 -6.91 -7.95 3.87
CA MET A 158 -7.15 -6.52 4.02
C MET A 158 -6.18 -5.71 3.17
N TYR A 159 -4.92 -6.13 3.11
CA TYR A 159 -3.84 -5.29 2.59
C TYR A 159 -3.31 -5.78 1.25
N ASN A 160 -3.98 -6.72 0.60
CA ASN A 160 -3.65 -7.09 -0.78
C ASN A 160 -2.19 -7.53 -0.88
N ASP A 161 -1.76 -8.28 0.14
CA ASP A 161 -0.44 -8.92 0.19
C ASP A 161 0.72 -7.92 0.16
N SER A 162 0.47 -6.63 0.37
CA SER A 162 1.46 -5.58 0.17
C SER A 162 1.80 -4.92 1.50
N SER A 163 3.06 -5.05 1.93
CA SER A 163 3.51 -4.58 3.26
C SER A 163 2.44 -4.82 4.32
N VAL A 164 2.05 -6.10 4.43
CA VAL A 164 0.85 -6.43 5.20
C VAL A 164 1.01 -5.99 6.65
N LEU A 165 2.10 -6.45 7.29
CA LEU A 165 2.32 -6.10 8.69
C LEU A 165 2.48 -4.59 8.86
N GLU A 166 3.28 -3.98 7.99
CA GLU A 166 3.68 -2.60 8.19
C GLU A 166 2.51 -1.65 8.01
N ASN A 167 1.63 -1.93 7.04
CA ASN A 167 0.39 -1.17 6.93
C ASN A 167 -0.43 -1.30 8.21
N HIS A 168 -0.49 -2.51 8.74
CA HIS A 168 -1.25 -2.74 9.95
C HIS A 168 -0.64 -2.01 11.15
N HIS A 169 0.69 -2.04 11.30
CA HIS A 169 1.31 -1.34 12.43
C HIS A 169 0.95 0.15 12.39
N LEU A 170 1.05 0.75 11.21
CA LEU A 170 0.65 2.15 11.03
C LEU A 170 -0.80 2.39 11.42
N ALA A 171 -1.72 1.55 10.90
CA ALA A 171 -3.14 1.81 11.13
C ALA A 171 -3.46 1.73 12.61
N VAL A 172 -2.85 0.77 13.33
CA VAL A 172 -3.09 0.68 14.77
C VAL A 172 -2.46 1.86 15.48
N GLY A 173 -1.21 2.19 15.16
CA GLY A 173 -0.53 3.27 15.87
C GLY A 173 -1.27 4.58 15.75
N PHE A 174 -1.77 4.89 14.55
CA PHE A 174 -2.56 6.11 14.37
C PHE A 174 -3.94 6.00 15.02
N LYS A 175 -4.62 4.84 14.89
CA LYS A 175 -5.96 4.71 15.44
C LYS A 175 -5.97 4.91 16.95
N LEU A 176 -4.91 4.48 17.63
CA LEU A 176 -4.88 4.61 19.08
C LEU A 176 -4.81 6.07 19.52
N LEU A 177 -4.36 6.99 18.67
CA LEU A 177 -4.41 8.41 19.01
C LEU A 177 -5.84 8.91 19.25
N GLN A 178 -6.85 8.20 18.74
CA GLN A 178 -8.23 8.61 18.92
C GLN A 178 -8.85 8.13 20.20
N GLU A 179 -8.14 7.32 20.97
CA GLU A 179 -8.66 6.86 22.25
C GLU A 179 -8.66 8.02 23.26
N GLU A 180 -9.39 7.82 24.36
CA GLU A 180 -9.60 8.89 25.34
C GLU A 180 -8.27 9.41 25.87
N ASN A 181 -8.08 10.72 25.76
CA ASN A 181 -6.87 11.41 26.23
C ASN A 181 -5.61 10.78 25.65
N CYS A 182 -5.66 10.40 24.38
CA CYS A 182 -4.50 9.82 23.71
C CYS A 182 -3.94 10.64 22.56
N ASP A 183 -4.55 11.78 22.19
CA ASP A 183 -4.03 12.47 20.99
C ASP A 183 -2.87 13.36 21.41
N ILE A 184 -1.66 12.78 21.37
CA ILE A 184 -0.47 13.54 21.72
C ILE A 184 -0.15 14.63 20.72
N PHE A 185 -0.78 14.60 19.54
CA PHE A 185 -0.55 15.63 18.53
C PHE A 185 -1.66 16.68 18.53
N GLN A 186 -2.41 16.79 19.64
CA GLN A 186 -3.58 17.67 19.66
C GLN A 186 -3.25 19.14 19.43
N ASN A 187 -2.02 19.57 19.75
CA ASN A 187 -1.67 20.99 19.65
C ASN A 187 -0.75 21.29 18.47
N LEU A 188 -0.50 20.32 17.59
CA LEU A 188 0.17 20.62 16.33
C LEU A 188 -0.79 21.35 15.41
N THR A 189 -0.26 22.21 14.53
CA THR A 189 -1.11 22.79 13.50
C THR A 189 -1.60 21.72 12.54
N LYS A 190 -2.62 22.05 11.74
CA LYS A 190 -3.09 21.10 10.75
C LYS A 190 -1.98 20.73 9.77
N LYS A 191 -1.20 21.71 9.34
CA LYS A 191 -0.14 21.39 8.40
C LYS A 191 0.93 20.52 9.05
N GLN A 192 1.21 20.76 10.34
CA GLN A 192 2.17 19.88 11.03
C GLN A 192 1.66 18.46 11.15
N ARG A 193 0.38 18.30 11.50
CA ARG A 193 -0.18 16.95 11.60
C ARG A 193 -0.14 16.23 10.27
N GLN A 194 -0.43 16.95 9.18
CA GLN A 194 -0.44 16.38 7.85
C GLN A 194 0.96 15.92 7.45
N SER A 195 1.95 16.78 7.69
CA SER A 195 3.33 16.45 7.37
C SER A 195 3.83 15.30 8.22
N LEU A 196 3.57 15.35 9.53
CA LEU A 196 4.01 14.26 10.40
C LEU A 196 3.40 12.93 9.96
N ARG A 197 2.10 12.90 9.65
CA ARG A 197 1.45 11.67 9.26
C ARG A 197 2.12 11.07 8.02
N LYS A 198 2.38 11.91 7.02
CA LYS A 198 3.03 11.41 5.80
C LYS A 198 4.42 10.86 6.09
N MET A 199 5.18 11.55 6.93
CA MET A 199 6.55 11.10 7.19
C MET A 199 6.54 9.78 7.95
N VAL A 200 5.64 9.66 8.93
CA VAL A 200 5.55 8.44 9.71
C VAL A 200 5.19 7.27 8.82
N ILE A 201 4.24 7.47 7.91
CA ILE A 201 3.87 6.41 6.99
C ILE A 201 5.07 6.04 6.13
N ASP A 202 5.75 7.04 5.56
CA ASP A 202 6.89 6.73 4.70
C ASP A 202 7.95 5.95 5.47
N ILE A 203 8.14 6.26 6.76
CA ILE A 203 9.19 5.61 7.54
C ILE A 203 8.79 4.17 7.87
N VAL A 204 7.60 3.96 8.39
CA VAL A 204 7.24 2.61 8.82
C VAL A 204 7.12 1.67 7.61
N LEU A 205 6.63 2.17 6.47
CA LEU A 205 6.53 1.28 5.32
C LEU A 205 7.91 0.83 4.86
N ALA A 206 8.95 1.64 5.11
CA ALA A 206 10.31 1.25 4.71
C ALA A 206 10.92 0.21 5.62
N THR A 207 10.28 -0.13 6.76
CA THR A 207 10.80 -1.21 7.61
C THR A 207 10.39 -2.58 7.11
N ASP A 208 9.56 -2.65 6.07
CA ASP A 208 9.25 -3.91 5.41
C ASP A 208 10.54 -4.54 4.90
N MET A 209 10.89 -5.73 5.43
CA MET A 209 12.17 -6.32 5.04
C MET A 209 12.26 -6.65 3.56
N SER A 210 11.13 -6.79 2.85
CA SER A 210 11.25 -7.07 1.43
C SER A 210 11.74 -5.85 0.66
N LYS A 211 11.77 -4.68 1.30
CA LYS A 211 12.28 -3.46 0.67
C LYS A 211 13.73 -3.19 0.98
N HIS A 212 14.38 -4.07 1.74
CA HIS A 212 15.73 -3.79 2.24
C HIS A 212 16.72 -3.57 1.10
N MET A 213 16.71 -4.44 0.11
CA MET A 213 17.73 -4.32 -0.95
C MET A 213 17.58 -3.02 -1.71
N ASN A 214 16.35 -2.60 -1.99
CA ASN A 214 16.15 -1.34 -2.71
C ASN A 214 16.49 -0.14 -1.83
N LEU A 215 16.14 -0.21 -0.54
CA LEU A 215 16.48 0.89 0.35
C LEU A 215 18.00 1.02 0.47
N LEU A 216 18.70 -0.12 0.58
CA LEU A 216 20.16 -0.08 0.69
C LEU A 216 20.79 0.43 -0.59
N ALA A 217 20.27 -0.02 -1.73
CA ALA A 217 20.81 0.46 -3.00
C ALA A 217 20.72 1.97 -3.08
N ASP A 218 19.59 2.54 -2.67
CA ASP A 218 19.43 3.99 -2.73
C ASP A 218 20.32 4.68 -1.71
N LEU A 219 20.51 4.07 -0.54
CA LEU A 219 21.41 4.65 0.44
C LEU A 219 22.84 4.68 -0.08
N LYS A 220 23.27 3.59 -0.76
CA LYS A 220 24.58 3.58 -1.37
C LYS A 220 24.73 4.72 -2.39
N THR A 221 23.71 4.91 -3.22
CA THR A 221 23.75 6.03 -4.16
C THR A 221 23.93 7.37 -3.46
N MET A 222 23.19 7.58 -2.36
CA MET A 222 23.32 8.83 -1.62
C MET A 222 24.72 8.99 -1.03
N VAL A 223 25.29 7.92 -0.46
CA VAL A 223 26.66 8.03 0.07
C VAL A 223 27.64 8.38 -1.04
N GLU A 224 27.50 7.73 -2.19
CA GLU A 224 28.43 7.98 -3.30
C GLU A 224 28.35 9.41 -3.80
N THR A 225 27.20 10.07 -3.60
CA THR A 225 26.99 11.42 -4.13
C THR A 225 26.77 12.43 -3.01
N LYS A 226 27.19 12.14 -1.78
CA LYS A 226 26.69 12.93 -0.68
C LYS A 226 27.34 14.31 -0.66
N LYS A 227 26.66 15.24 -0.02
CA LYS A 227 27.21 16.58 0.12
C LYS A 227 27.12 17.01 1.58
N VAL A 228 28.09 17.81 1.99
CA VAL A 228 28.20 18.28 3.36
C VAL A 228 28.23 19.79 3.32
N THR A 229 27.69 20.40 4.39
CA THR A 229 27.70 21.85 4.50
C THR A 229 29.07 22.32 4.99
N SER A 230 29.23 23.66 5.01
CA SER A 230 30.43 24.27 5.57
C SER A 230 30.64 23.84 7.01
N SER A 231 29.56 23.55 7.74
CA SER A 231 29.66 23.11 9.12
C SER A 231 29.95 21.62 9.24
N GLY A 232 30.09 20.89 8.13
CA GLY A 232 30.47 19.50 8.14
C GLY A 232 29.32 18.51 8.26
N VAL A 233 28.08 18.98 8.37
CA VAL A 233 26.94 18.08 8.52
C VAL A 233 26.39 17.71 7.15
N LEU A 234 25.57 16.67 7.12
CA LEU A 234 24.99 16.19 5.86
C LEU A 234 24.05 17.26 5.28
N LEU A 235 24.19 17.54 3.99
CA LEU A 235 23.30 18.45 3.29
C LEU A 235 22.13 17.68 2.67
N LEU A 236 20.91 17.97 3.15
CA LEU A 236 19.69 17.31 2.70
C LEU A 236 18.66 18.37 2.36
N ASP A 237 18.47 18.67 1.07
CA ASP A 237 17.74 19.89 0.69
C ASP A 237 16.43 19.62 -0.05
N ASN A 238 15.86 18.42 0.11
CA ASN A 238 14.58 18.11 -0.53
C ASN A 238 13.96 16.98 0.26
N TYR A 239 12.63 16.84 0.14
CA TYR A 239 11.95 15.86 0.97
C TYR A 239 12.46 14.45 0.69
N SER A 240 12.66 14.12 -0.59
CA SER A 240 13.09 12.76 -0.94
C SER A 240 14.37 12.36 -0.22
N ASP A 241 15.35 13.27 -0.18
CA ASP A 241 16.60 12.93 0.50
C ASP A 241 16.43 12.87 2.01
N ARG A 242 15.66 13.81 2.58
CA ARG A 242 15.46 13.84 4.03
C ARG A 242 14.73 12.58 4.49
N ILE A 243 13.68 12.21 3.76
CA ILE A 243 12.90 11.05 4.20
C ILE A 243 13.70 9.78 3.97
N GLN A 244 14.50 9.74 2.90
CA GLN A 244 15.33 8.56 2.69
C GLN A 244 16.30 8.35 3.86
N VAL A 245 16.89 9.43 4.38
CA VAL A 245 17.79 9.26 5.51
C VAL A 245 17.03 8.78 6.73
N LEU A 246 15.83 9.30 6.95
CA LEU A 246 15.08 8.88 8.13
C LEU A 246 14.59 7.45 7.98
N GLN A 247 14.24 7.05 6.76
CA GLN A 247 13.85 5.66 6.51
C GLN A 247 14.99 4.71 6.82
N ASN A 248 16.19 5.02 6.30
CA ASN A 248 17.33 4.16 6.55
C ASN A 248 17.73 4.20 8.02
N MET A 249 17.57 5.35 8.68
CA MET A 249 17.91 5.44 10.09
C MET A 249 17.08 4.47 10.91
N VAL A 250 15.77 4.50 10.71
CA VAL A 250 14.91 3.60 11.48
C VAL A 250 15.10 2.16 11.06
N HIS A 251 15.42 1.91 9.78
CA HIS A 251 15.70 0.53 9.37
C HIS A 251 16.98 0.02 10.01
N CYS A 252 18.00 0.88 10.08
CA CYS A 252 19.23 0.52 10.82
C CYS A 252 18.93 0.24 12.28
N ALA A 253 18.08 1.07 12.89
CA ALA A 253 17.72 0.85 14.29
C ALA A 253 17.00 -0.48 14.47
N ASP A 254 16.08 -0.80 13.53
CA ASP A 254 15.36 -2.07 13.56
C ASP A 254 16.31 -3.25 13.40
N LEU A 255 17.37 -3.07 12.61
CA LEU A 255 18.38 -4.11 12.39
C LEU A 255 19.64 -3.87 13.22
N SER A 256 19.51 -3.33 14.44
CA SER A 256 20.72 -2.95 15.18
C SER A 256 21.14 -3.99 16.21
N ASN A 257 20.36 -5.07 16.39
CA ASN A 257 20.73 -6.00 17.47
C ASN A 257 22.16 -6.52 17.34
N PRO A 258 22.65 -6.93 16.16
CA PRO A 258 24.02 -7.45 16.07
C PRO A 258 25.09 -6.38 16.28
N THR A 259 24.72 -5.10 16.35
CA THR A 259 25.69 -4.05 16.63
C THR A 259 25.76 -3.71 18.10
N LYS A 260 24.96 -4.36 18.93
CA LYS A 260 24.94 -4.10 20.36
C LYS A 260 25.93 -5.01 21.09
N PRO A 261 26.34 -4.62 22.30
CA PRO A 261 27.16 -5.51 23.13
C PRO A 261 26.60 -6.91 23.15
N LEU A 262 27.51 -7.89 23.14
CA LEU A 262 27.14 -9.27 22.83
C LEU A 262 26.04 -9.81 23.76
N GLN A 263 26.06 -9.41 25.05
CA GLN A 263 25.06 -9.97 25.95
C GLN A 263 23.65 -9.52 25.56
N LEU A 264 23.53 -8.32 24.97
CA LEU A 264 22.22 -7.90 24.45
C LEU A 264 21.90 -8.64 23.16
N TYR A 265 22.88 -8.67 22.23
CA TYR A 265 22.67 -9.33 20.96
C TYR A 265 22.20 -10.79 21.14
N ARG A 266 22.86 -11.51 22.06
CA ARG A 266 22.51 -12.92 22.26
C ARG A 266 21.09 -13.06 22.82
N GLN A 267 20.67 -12.14 23.69
CA GLN A 267 19.29 -12.20 24.17
C GLN A 267 18.31 -11.94 23.02
N TRP A 268 18.61 -10.96 22.16
CA TRP A 268 17.73 -10.72 21.01
C TRP A 268 17.69 -11.94 20.09
N THR A 269 18.83 -12.60 19.93
CA THR A 269 18.88 -13.77 19.05
C THR A 269 18.08 -14.93 19.63
N ASP A 270 18.18 -15.13 20.96
CA ASP A 270 17.39 -16.18 21.60
C ASP A 270 15.91 -15.92 21.39
N ARG A 271 15.50 -14.66 21.49
CA ARG A 271 14.09 -14.30 21.33
C ARG A 271 13.63 -14.50 19.88
N ILE A 272 14.39 -14.00 18.91
CA ILE A 272 13.91 -14.11 17.53
C ILE A 272 13.92 -15.57 17.12
N MET A 273 14.87 -16.37 17.63
CA MET A 273 14.84 -17.79 17.27
C MET A 273 13.62 -18.48 17.84
N GLU A 274 13.21 -18.12 19.06
CA GLU A 274 11.98 -18.69 19.60
C GLU A 274 10.78 -18.34 18.70
N GLU A 275 10.68 -17.07 18.32
CA GLU A 275 9.58 -16.65 17.48
C GLU A 275 9.64 -17.34 16.12
N PHE A 276 10.83 -17.40 15.52
CA PHE A 276 10.99 -18.05 14.22
C PHE A 276 10.65 -19.54 14.30
N PHE A 277 11.13 -20.23 15.35
CA PHE A 277 10.86 -21.66 15.48
C PHE A 277 9.37 -21.93 15.66
N ARG A 278 8.66 -21.03 16.35
CA ARG A 278 7.22 -21.23 16.50
C ARG A 278 6.51 -21.05 15.16
N GLN A 279 6.98 -20.11 14.34
CA GLN A 279 6.42 -19.99 12.99
C GLN A 279 6.69 -21.24 12.18
N GLY A 280 7.93 -21.73 12.23
CA GLY A 280 8.29 -22.94 11.51
C GLY A 280 7.48 -24.13 11.96
N ASP A 281 7.16 -24.21 13.25
CA ASP A 281 6.29 -25.29 13.72
C ASP A 281 4.91 -25.20 13.11
N ARG A 282 4.37 -23.99 12.96
CA ARG A 282 3.08 -23.82 12.30
C ARG A 282 3.19 -24.14 10.80
N GLU A 283 4.29 -23.73 10.17
CA GLU A 283 4.49 -24.06 8.76
C GLU A 283 4.56 -25.56 8.56
N ARG A 284 5.37 -26.25 9.38
CA ARG A 284 5.52 -27.69 9.24
C ARG A 284 4.20 -28.40 9.45
N GLU A 285 3.42 -27.96 10.43
CA GLU A 285 2.15 -28.61 10.72
C GLU A 285 1.20 -28.46 9.55
N ARG A 286 1.27 -27.33 8.85
CA ARG A 286 0.42 -27.04 7.71
C ARG A 286 0.94 -27.63 6.40
N GLY A 287 2.06 -28.34 6.43
CA GLY A 287 2.60 -28.88 5.21
C GLY A 287 3.19 -27.84 4.30
N MET A 288 3.54 -26.68 4.84
CA MET A 288 4.18 -25.62 4.09
C MET A 288 5.69 -25.78 4.12
N GLU A 289 6.35 -25.18 3.13
CA GLU A 289 7.79 -25.06 3.21
C GLU A 289 8.14 -24.19 4.41
N ILE A 290 9.17 -24.59 5.15
CA ILE A 290 9.55 -23.86 6.34
C ILE A 290 10.45 -22.69 5.95
N SER A 291 10.17 -21.51 6.50
CA SER A 291 10.89 -20.30 6.17
C SER A 291 12.35 -20.39 6.62
N PRO A 292 13.25 -19.62 6.00
CA PRO A 292 14.65 -19.62 6.44
C PRO A 292 14.75 -19.32 7.93
N MET A 293 15.64 -20.05 8.62
CA MET A 293 15.91 -19.90 10.06
C MET A 293 14.76 -20.35 10.95
N CYS A 294 13.70 -20.93 10.41
CA CYS A 294 12.53 -21.29 11.22
C CYS A 294 12.42 -22.78 11.51
N ASP A 295 13.35 -23.61 11.04
CA ASP A 295 13.24 -25.06 11.21
C ASP A 295 14.10 -25.49 12.39
N LYS A 296 13.45 -25.78 13.52
CA LYS A 296 14.23 -26.09 14.72
C LYS A 296 14.95 -27.43 14.60
N HIS A 297 14.60 -28.26 13.62
CA HIS A 297 15.25 -29.55 13.45
C HIS A 297 16.44 -29.50 12.50
N ASN A 298 16.65 -28.40 11.80
CA ASN A 298 17.71 -28.24 10.81
C ASN A 298 18.33 -26.86 10.94
N ALA A 299 18.45 -26.39 12.18
CA ALA A 299 18.91 -25.03 12.46
C ALA A 299 20.39 -25.01 12.81
N SER A 300 21.09 -24.00 12.30
CA SER A 300 22.41 -23.63 12.82
C SER A 300 22.32 -22.16 13.15
N VAL A 301 22.08 -21.84 14.43
CA VAL A 301 21.89 -20.46 14.81
C VAL A 301 23.17 -19.66 14.58
N GLU A 302 24.32 -20.28 14.85
CA GLU A 302 25.60 -19.59 14.65
C GLU A 302 25.83 -19.28 13.18
N LYS A 303 25.67 -20.27 12.30
CA LYS A 303 25.85 -19.99 10.88
C LYS A 303 24.85 -18.97 10.39
N SER A 304 23.61 -19.03 10.89
CA SER A 304 22.60 -18.08 10.49
C SER A 304 22.99 -16.66 10.89
N GLN A 305 23.63 -16.49 12.06
CA GLN A 305 24.00 -15.14 12.45
C GLN A 305 25.12 -14.60 11.60
N VAL A 306 26.12 -15.43 11.30
CA VAL A 306 27.19 -14.96 10.43
C VAL A 306 26.62 -14.56 9.06
N GLY A 307 25.69 -15.35 8.51
CA GLY A 307 25.11 -15.01 7.23
C GLY A 307 24.23 -13.76 7.29
N PHE A 308 23.43 -13.65 8.34
CA PHE A 308 22.63 -12.46 8.58
C PHE A 308 23.50 -11.20 8.60
N ILE A 309 24.60 -11.24 9.34
CA ILE A 309 25.49 -10.08 9.39
C ILE A 309 26.15 -9.87 8.04
N ASP A 310 26.67 -10.94 7.44
CA ASP A 310 27.44 -10.78 6.22
C ASP A 310 26.60 -10.25 5.06
N TYR A 311 25.35 -10.71 4.94
CA TYR A 311 24.56 -10.42 3.77
C TYR A 311 23.53 -9.31 3.97
N ILE A 312 23.17 -9.01 5.21
CA ILE A 312 22.15 -7.99 5.48
C ILE A 312 22.71 -6.88 6.36
N VAL A 313 23.15 -7.24 7.58
CA VAL A 313 23.34 -6.22 8.61
C VAL A 313 24.62 -5.42 8.37
N HIS A 314 25.71 -6.07 8.02
CA HIS A 314 26.94 -5.31 7.82
C HIS A 314 26.89 -4.48 6.54
N PRO A 315 26.35 -4.99 5.42
CA PRO A 315 26.22 -4.10 4.25
C PRO A 315 25.45 -2.84 4.58
N LEU A 316 24.35 -2.96 5.34
CA LEU A 316 23.58 -1.78 5.73
C LEU A 316 24.38 -0.86 6.65
N TRP A 317 24.95 -1.42 7.73
CA TRP A 317 25.60 -0.58 8.72
C TRP A 317 26.90 0.01 8.21
N GLU A 318 27.61 -0.70 7.33
CA GLU A 318 28.80 -0.13 6.72
C GLU A 318 28.42 1.07 5.85
N THR A 319 27.25 1.02 5.22
CA THR A 319 26.83 2.13 4.37
C THR A 319 26.34 3.29 5.24
N TRP A 320 25.62 2.98 6.31
CA TRP A 320 25.25 4.04 7.24
C TRP A 320 26.49 4.69 7.83
N ALA A 321 27.46 3.86 8.24
CA ALA A 321 28.69 4.42 8.79
C ALA A 321 29.40 5.33 7.78
N ASP A 322 29.36 4.98 6.50
CA ASP A 322 29.95 5.86 5.49
C ASP A 322 29.20 7.19 5.41
N LEU A 323 27.87 7.15 5.48
CA LEU A 323 27.06 8.38 5.40
C LEU A 323 27.45 9.35 6.50
N VAL A 324 27.68 8.84 7.71
CA VAL A 324 27.91 9.68 8.89
C VAL A 324 29.36 9.61 9.36
N HIS A 325 30.28 9.23 8.50
CA HIS A 325 31.64 8.97 8.94
C HIS A 325 32.25 10.19 9.64
N PRO A 326 33.00 10.00 10.75
CA PRO A 326 33.33 8.73 11.42
C PRO A 326 32.43 8.36 12.60
N ASP A 327 31.23 8.93 12.66
CA ASP A 327 30.43 8.89 13.89
C ASP A 327 30.09 7.47 14.34
N ALA A 328 29.91 6.54 13.41
CA ALA A 328 29.40 5.23 13.75
C ALA A 328 30.50 4.17 13.83
N GLN A 329 31.76 4.59 13.86
CA GLN A 329 32.85 3.63 13.80
C GLN A 329 32.78 2.63 14.95
N ASP A 330 32.42 3.09 16.17
CA ASP A 330 32.38 2.16 17.29
C ASP A 330 31.25 1.15 17.16
N ILE A 331 30.11 1.58 16.60
CA ILE A 331 29.00 0.66 16.36
C ILE A 331 29.43 -0.39 15.35
N LEU A 332 30.06 0.05 14.26
CA LEU A 332 30.52 -0.90 13.25
C LEU A 332 31.56 -1.84 13.85
N ASP A 333 32.48 -1.31 14.68
CA ASP A 333 33.47 -2.18 15.32
C ASP A 333 32.80 -3.26 16.17
N THR A 334 31.74 -2.92 16.90
CA THR A 334 31.03 -3.91 17.70
C THR A 334 30.40 -4.98 16.83
N LEU A 335 29.70 -4.55 15.77
CA LEU A 335 29.15 -5.49 14.80
C LEU A 335 30.21 -6.45 14.28
N GLU A 336 31.38 -5.93 13.90
CA GLU A 336 32.41 -6.80 13.34
C GLU A 336 32.96 -7.74 14.41
N ASP A 337 33.06 -7.26 15.66
CA ASP A 337 33.51 -8.14 16.73
C ASP A 337 32.49 -9.25 16.97
N ASN A 338 31.20 -8.92 16.91
CA ASN A 338 30.17 -9.93 17.16
C ASN A 338 30.15 -10.96 16.05
N ARG A 339 30.36 -10.52 14.81
CA ARG A 339 30.49 -11.45 13.71
C ARG A 339 31.66 -12.39 13.93
N GLU A 340 32.80 -11.84 14.34
CA GLU A 340 33.97 -12.67 14.56
C GLU A 340 33.72 -13.66 15.69
N TRP A 341 33.03 -13.21 16.74
CA TRP A 341 32.73 -14.11 17.84
C TRP A 341 31.86 -15.27 17.37
N TYR A 342 30.75 -14.96 16.68
CA TYR A 342 29.87 -16.04 16.20
C TYR A 342 30.61 -16.96 15.24
N GLN A 343 31.40 -16.39 14.32
CA GLN A 343 32.19 -17.22 13.41
C GLN A 343 33.12 -18.16 14.18
N SER A 344 33.65 -17.70 15.32
CA SER A 344 34.60 -18.52 16.06
C SER A 344 33.95 -19.70 16.74
N THR A 345 32.62 -19.69 16.90
CA THR A 345 31.93 -20.82 17.50
C THR A 345 31.68 -21.93 16.48
N ILE A 346 31.79 -21.63 15.21
CA ILE A 346 31.69 -22.64 14.16
C ILE A 346 33.05 -23.35 14.04
N GLN B 24 -40.03 -8.90 -21.69
CA GLN B 24 -38.89 -8.15 -21.18
C GLN B 24 -37.62 -8.99 -21.20
N GLU B 25 -37.73 -10.26 -20.79
CA GLU B 25 -36.56 -11.13 -20.79
C GLU B 25 -36.11 -11.51 -22.19
N ASP B 26 -36.96 -11.29 -23.19
CA ASP B 26 -36.58 -11.55 -24.57
C ASP B 26 -35.82 -10.37 -25.18
N VAL B 27 -36.18 -9.14 -24.80
CA VAL B 27 -35.42 -7.97 -25.26
C VAL B 27 -34.02 -7.96 -24.67
N LEU B 28 -33.87 -8.45 -23.44
CA LEU B 28 -32.56 -8.46 -22.81
C LEU B 28 -31.59 -9.36 -23.56
N ALA B 29 -32.10 -10.48 -24.09
CA ALA B 29 -31.25 -11.40 -24.83
C ALA B 29 -30.71 -10.77 -26.11
N LYS B 30 -31.54 -10.00 -26.82
CA LYS B 30 -31.09 -9.41 -28.07
C LYS B 30 -30.08 -8.28 -27.83
N GLU B 31 -30.25 -7.52 -26.75
CA GLU B 31 -29.28 -6.47 -26.41
C GLU B 31 -27.89 -7.05 -26.20
N LEU B 32 -27.80 -8.23 -25.58
CA LEU B 32 -26.53 -8.85 -25.24
C LEU B 32 -25.81 -9.42 -26.45
N GLU B 33 -26.47 -9.48 -27.61
CA GLU B 33 -25.80 -9.95 -28.82
C GLU B 33 -24.68 -9.03 -29.24
N ASP B 34 -24.71 -7.75 -28.85
CA ASP B 34 -23.65 -6.80 -29.14
C ASP B 34 -22.59 -6.74 -28.05
N VAL B 35 -22.48 -7.78 -27.23
CA VAL B 35 -21.49 -7.78 -26.15
C VAL B 35 -20.08 -7.64 -26.70
N ASN B 36 -19.84 -8.03 -27.95
CA ASN B 36 -18.54 -7.88 -28.56
C ASN B 36 -18.33 -6.51 -29.22
N LYS B 37 -19.27 -5.58 -29.09
CA LYS B 37 -19.19 -4.30 -29.78
C LYS B 37 -18.97 -3.13 -28.81
N TRP B 38 -18.12 -2.20 -29.24
CA TRP B 38 -17.98 -0.90 -28.58
C TRP B 38 -19.27 -0.10 -28.74
N GLY B 39 -19.87 0.29 -27.63
CA GLY B 39 -21.15 0.99 -27.68
C GLY B 39 -22.35 0.15 -27.32
N LEU B 40 -22.14 -1.01 -26.70
CA LEU B 40 -23.22 -1.78 -26.08
C LEU B 40 -24.18 -0.85 -25.34
N HIS B 41 -25.48 -1.19 -25.40
CA HIS B 41 -26.54 -0.41 -24.76
C HIS B 41 -26.65 -0.82 -23.29
N VAL B 42 -25.62 -0.44 -22.52
CA VAL B 42 -25.50 -0.98 -21.16
C VAL B 42 -26.59 -0.43 -20.24
N PHE B 43 -27.10 0.79 -20.50
CA PHE B 43 -28.17 1.31 -19.67
C PHE B 43 -29.47 0.59 -19.92
N ARG B 44 -29.76 0.28 -21.19
CA ARG B 44 -30.91 -0.55 -21.50
C ARG B 44 -30.76 -1.93 -20.88
N ILE B 45 -29.54 -2.48 -20.94
CA ILE B 45 -29.29 -3.79 -20.33
C ILE B 45 -29.49 -3.71 -18.83
N ALA B 46 -29.02 -2.61 -18.19
CA ALA B 46 -29.28 -2.42 -16.77
C ALA B 46 -30.77 -2.44 -16.47
N GLU B 47 -31.58 -1.80 -17.31
CA GLU B 47 -33.01 -1.73 -17.06
C GLU B 47 -33.68 -3.09 -17.28
N LEU B 48 -33.34 -3.76 -18.37
CA LEU B 48 -34.03 -5.00 -18.73
C LEU B 48 -33.69 -6.15 -17.80
N SER B 49 -32.54 -6.11 -17.15
CA SER B 49 -32.12 -7.18 -16.25
C SER B 49 -32.55 -6.95 -14.81
N GLY B 50 -33.39 -5.95 -14.56
CA GLY B 50 -33.75 -5.59 -13.19
C GLY B 50 -32.55 -5.12 -12.39
N ASN B 51 -31.77 -4.20 -12.98
CA ASN B 51 -30.56 -3.65 -12.38
C ASN B 51 -29.55 -4.75 -12.05
N ARG B 52 -29.39 -5.69 -12.96
CA ARG B 52 -28.30 -6.64 -12.81
C ARG B 52 -27.39 -6.64 -14.03
N PRO B 53 -26.94 -5.47 -14.53
CA PRO B 53 -26.06 -5.49 -15.70
C PRO B 53 -24.73 -6.18 -15.44
N LEU B 54 -24.16 -6.02 -14.24
CA LEU B 54 -22.89 -6.68 -13.98
C LEU B 54 -23.03 -8.19 -14.05
N THR B 55 -24.09 -8.73 -13.46
CA THR B 55 -24.27 -10.18 -13.43
C THR B 55 -24.57 -10.74 -14.82
N VAL B 56 -25.43 -10.09 -15.60
CA VAL B 56 -25.76 -10.69 -16.89
C VAL B 56 -24.62 -10.48 -17.89
N ILE B 57 -23.92 -9.35 -17.83
CA ILE B 57 -22.86 -9.09 -18.80
C ILE B 57 -21.63 -9.95 -18.50
N MET B 58 -21.25 -10.07 -17.22
CA MET B 58 -20.16 -10.97 -16.87
C MET B 58 -20.47 -12.41 -17.28
N HIS B 59 -21.70 -12.86 -17.02
CA HIS B 59 -22.08 -14.21 -17.41
C HIS B 59 -21.94 -14.40 -18.91
N THR B 60 -22.49 -13.47 -19.69
CA THR B 60 -22.40 -13.56 -21.14
C THR B 60 -20.95 -13.62 -21.60
N ILE B 61 -20.09 -12.78 -21.03
CA ILE B 61 -18.69 -12.73 -21.45
C ILE B 61 -17.98 -14.02 -21.07
N PHE B 62 -18.26 -14.56 -19.87
CA PHE B 62 -17.67 -15.84 -19.47
C PHE B 62 -18.15 -16.96 -20.37
N GLN B 63 -19.44 -16.93 -20.73
CA GLN B 63 -19.98 -17.94 -21.63
C GLN B 63 -19.45 -17.73 -23.04
N GLU B 64 -19.34 -16.47 -23.48
CA GLU B 64 -18.71 -16.16 -24.76
C GLU B 64 -17.26 -16.61 -24.80
N ARG B 65 -16.57 -16.65 -23.65
CA ARG B 65 -15.17 -17.07 -23.62
C ARG B 65 -14.96 -18.49 -23.10
N ASP B 66 -16.02 -19.29 -22.97
CA ASP B 66 -16.00 -20.62 -22.32
C ASP B 66 -15.03 -20.64 -21.13
N LEU B 67 -15.13 -19.59 -20.31
CA LEU B 67 -14.33 -19.52 -19.11
C LEU B 67 -14.85 -20.45 -18.03
N LEU B 68 -16.14 -20.77 -18.05
CA LEU B 68 -16.65 -21.70 -17.06
C LEU B 68 -16.09 -23.10 -17.30
N LYS B 69 -15.80 -23.43 -18.56
CA LYS B 69 -15.23 -24.73 -18.91
C LYS B 69 -13.71 -24.71 -18.85
N THR B 70 -13.08 -23.65 -19.33
CA THR B 70 -11.61 -23.57 -19.32
C THR B 70 -11.07 -23.62 -17.90
N PHE B 71 -11.73 -22.90 -16.98
CA PHE B 71 -11.31 -22.88 -15.58
C PHE B 71 -12.26 -23.67 -14.68
N LYS B 72 -13.16 -24.47 -15.26
CA LYS B 72 -14.05 -25.37 -14.54
C LYS B 72 -14.77 -24.63 -13.40
N ILE B 73 -15.55 -23.63 -13.78
CA ILE B 73 -16.29 -22.80 -12.83
C ILE B 73 -17.75 -23.26 -12.84
N PRO B 74 -18.31 -23.64 -11.69
CA PRO B 74 -19.73 -24.01 -11.67
C PRO B 74 -20.61 -22.79 -11.97
N VAL B 75 -21.56 -22.96 -12.88
CA VAL B 75 -22.40 -21.85 -13.32
C VAL B 75 -23.12 -21.22 -12.14
N ASP B 76 -23.68 -22.05 -11.26
CA ASP B 76 -24.36 -21.53 -10.08
C ASP B 76 -23.40 -20.76 -9.18
N THR B 77 -22.13 -21.19 -9.11
CA THR B 77 -21.16 -20.46 -8.30
C THR B 77 -20.82 -19.12 -8.93
N LEU B 78 -20.69 -19.07 -10.25
CA LEU B 78 -20.47 -17.80 -10.92
C LEU B 78 -21.61 -16.83 -10.66
N ILE B 79 -22.85 -17.28 -10.84
CA ILE B 79 -24.01 -16.40 -10.67
C ILE B 79 -24.12 -15.93 -9.24
N THR B 80 -23.86 -16.83 -8.27
CA THR B 80 -23.97 -16.46 -6.86
C THR B 80 -22.95 -15.38 -6.51
N TYR B 81 -21.70 -15.58 -6.91
CA TYR B 81 -20.68 -14.56 -6.67
C TYR B 81 -21.05 -13.25 -7.34
N LEU B 82 -21.45 -13.33 -8.62
CA LEU B 82 -21.71 -12.10 -9.38
C LEU B 82 -22.82 -11.28 -8.76
N MET B 83 -23.91 -11.93 -8.34
CA MET B 83 -25.00 -11.19 -7.71
C MET B 83 -24.52 -10.56 -6.40
N THR B 84 -23.76 -11.32 -5.62
CA THR B 84 -23.20 -10.81 -4.37
C THR B 84 -22.29 -9.61 -4.62
N LEU B 85 -21.41 -9.74 -5.62
CA LEU B 85 -20.52 -8.64 -5.97
C LEU B 85 -21.31 -7.43 -6.41
N GLU B 86 -22.28 -7.63 -7.30
CA GLU B 86 -23.14 -6.54 -7.76
C GLU B 86 -23.86 -5.88 -6.59
N ASP B 87 -24.30 -6.67 -5.62
CA ASP B 87 -24.96 -6.14 -4.44
C ASP B 87 -24.08 -5.19 -3.64
N HIS B 88 -22.75 -5.35 -3.71
CA HIS B 88 -21.87 -4.49 -2.95
C HIS B 88 -21.44 -3.24 -3.70
N TYR B 89 -21.94 -3.03 -4.91
CA TYR B 89 -21.96 -1.69 -5.50
C TYR B 89 -23.17 -0.94 -4.96
N HIS B 90 -22.98 0.36 -4.70
CA HIS B 90 -24.02 1.17 -4.08
C HIS B 90 -25.03 1.65 -5.12
N ALA B 91 -26.32 1.36 -4.87
CA ALA B 91 -27.36 1.82 -5.80
C ALA B 91 -27.64 3.31 -5.68
N ASP B 92 -27.20 3.97 -4.63
CA ASP B 92 -27.44 5.41 -4.48
C ASP B 92 -26.23 6.25 -4.88
N VAL B 93 -25.27 5.66 -5.59
CA VAL B 93 -24.12 6.37 -6.13
C VAL B 93 -24.33 6.45 -7.64
N ALA B 94 -24.38 7.68 -8.18
CA ALA B 94 -24.86 7.87 -9.55
C ALA B 94 -23.90 7.33 -10.60
N TYR B 95 -22.58 7.35 -10.35
CA TYR B 95 -21.65 6.89 -11.36
C TYR B 95 -20.94 5.60 -10.96
N HIS B 96 -20.29 5.59 -9.80
CA HIS B 96 -19.42 4.46 -9.40
C HIS B 96 -20.27 3.33 -8.82
N ASN B 97 -21.11 2.75 -9.69
CA ASN B 97 -22.05 1.70 -9.29
C ASN B 97 -21.90 0.48 -10.18
N ASN B 98 -22.86 -0.43 -10.11
CA ASN B 98 -22.75 -1.67 -10.88
C ASN B 98 -22.85 -1.45 -12.41
N ILE B 99 -23.42 -0.34 -12.88
CA ILE B 99 -23.49 -0.11 -14.32
C ILE B 99 -22.11 0.26 -14.87
N HIS B 100 -21.41 1.14 -14.16
CA HIS B 100 -20.01 1.42 -14.49
C HIS B 100 -19.18 0.15 -14.47
N ALA B 101 -19.31 -0.66 -13.41
CA ALA B 101 -18.57 -1.93 -13.35
C ALA B 101 -18.86 -2.79 -14.58
N ALA B 102 -20.14 -2.91 -14.96
CA ALA B 102 -20.49 -3.75 -16.11
C ALA B 102 -19.88 -3.18 -17.38
N ASP B 103 -19.90 -1.84 -17.49
CA ASP B 103 -19.36 -1.15 -18.65
C ASP B 103 -17.85 -1.29 -18.77
N VAL B 104 -17.14 -1.22 -17.63
CA VAL B 104 -15.69 -1.40 -17.70
C VAL B 104 -15.35 -2.86 -18.04
N VAL B 105 -16.10 -3.81 -17.48
CA VAL B 105 -15.94 -5.22 -17.83
C VAL B 105 -16.09 -5.40 -19.32
N GLN B 106 -17.16 -4.85 -19.88
CA GLN B 106 -17.44 -5.10 -21.28
C GLN B 106 -16.43 -4.39 -22.17
N SER B 107 -15.97 -3.22 -21.74
CA SER B 107 -14.97 -2.48 -22.52
C SER B 107 -13.63 -3.21 -22.53
N THR B 108 -13.20 -3.69 -21.35
CA THR B 108 -12.02 -4.53 -21.30
C THR B 108 -12.18 -5.76 -22.19
N HIS B 109 -13.34 -6.40 -22.13
CA HIS B 109 -13.59 -7.57 -22.98
C HIS B 109 -13.34 -7.24 -24.45
N VAL B 110 -13.77 -6.05 -24.90
CA VAL B 110 -13.56 -5.69 -26.30
C VAL B 110 -12.09 -5.39 -26.56
N LEU B 111 -11.43 -4.68 -25.65
CA LEU B 111 -10.02 -4.34 -25.86
C LEU B 111 -9.15 -5.59 -25.86
N LEU B 112 -9.54 -6.62 -25.12
CA LEU B 112 -8.80 -7.88 -25.12
C LEU B 112 -8.91 -8.59 -26.46
N SER B 113 -9.99 -8.34 -27.20
CA SER B 113 -10.21 -8.97 -28.50
C SER B 113 -9.57 -8.20 -29.63
N THR B 114 -8.83 -7.14 -29.31
CA THR B 114 -8.06 -6.38 -30.28
C THR B 114 -7.21 -7.33 -31.12
N PRO B 115 -7.47 -7.47 -32.43
CA PRO B 115 -6.59 -8.31 -33.26
C PRO B 115 -5.10 -8.21 -32.94
N ALA B 116 -4.59 -6.99 -32.78
CA ALA B 116 -3.16 -6.77 -32.54
C ALA B 116 -2.68 -7.31 -31.19
N LEU B 117 -3.54 -7.90 -30.36
CA LEU B 117 -3.09 -8.43 -29.08
C LEU B 117 -3.22 -9.95 -29.05
N VAL B 120 -2.29 -12.89 -27.25
CA VAL B 120 -0.94 -12.61 -26.77
C VAL B 120 -0.94 -12.66 -25.25
N PHE B 121 -2.13 -12.67 -24.66
CA PHE B 121 -2.32 -12.88 -23.23
C PHE B 121 -2.83 -14.29 -22.99
N THR B 122 -2.29 -14.96 -21.97
CA THR B 122 -2.77 -16.29 -21.63
C THR B 122 -4.19 -16.22 -21.09
N ASP B 123 -4.86 -17.38 -21.03
CA ASP B 123 -6.24 -17.39 -20.56
C ASP B 123 -6.34 -16.98 -19.09
N LEU B 124 -5.28 -17.17 -18.31
CA LEU B 124 -5.31 -16.69 -16.93
C LEU B 124 -5.16 -15.18 -16.88
N GLU B 125 -4.38 -14.61 -17.80
CA GLU B 125 -4.27 -13.15 -17.88
C GLU B 125 -5.59 -12.53 -18.32
N ILE B 126 -6.28 -13.15 -19.29
CA ILE B 126 -7.60 -12.65 -19.71
C ILE B 126 -8.58 -12.72 -18.54
N LEU B 127 -8.58 -13.84 -17.81
CA LEU B 127 -9.44 -13.99 -16.64
C LEU B 127 -9.15 -12.92 -15.59
N ALA B 128 -7.86 -12.65 -15.32
CA ALA B 128 -7.53 -11.63 -14.34
C ALA B 128 -7.99 -10.25 -14.77
N ALA B 129 -7.83 -9.92 -16.05
CA ALA B 129 -8.27 -8.62 -16.55
C ALA B 129 -9.79 -8.43 -16.42
N ILE B 130 -10.56 -9.49 -16.69
CA ILE B 130 -12.03 -9.38 -16.64
C ILE B 130 -12.51 -9.35 -15.19
N PHE B 131 -11.97 -10.22 -14.35
CA PHE B 131 -12.31 -10.21 -12.93
C PHE B 131 -11.91 -8.89 -12.29
N ALA B 132 -10.71 -8.38 -12.63
CA ALA B 132 -10.29 -7.10 -12.06
C ALA B 132 -11.27 -6.00 -12.46
N SER B 133 -11.69 -5.99 -13.72
CA SER B 133 -12.65 -4.98 -14.16
C SER B 133 -13.95 -5.06 -13.37
N ALA B 134 -14.41 -6.27 -13.08
CA ALA B 134 -15.71 -6.45 -12.41
C ALA B 134 -15.68 -5.93 -10.99
N ILE B 135 -14.55 -6.12 -10.28
CA ILE B 135 -14.46 -5.72 -8.89
C ILE B 135 -13.86 -4.34 -8.70
N HIS B 136 -13.45 -3.65 -9.77
CA HIS B 136 -12.47 -2.59 -9.60
C HIS B 136 -12.99 -1.37 -8.83
N ASP B 137 -14.33 -1.19 -8.73
CA ASP B 137 -14.88 -0.08 -7.95
C ASP B 137 -15.85 -0.55 -6.85
N VAL B 138 -15.78 -1.82 -6.43
CA VAL B 138 -16.87 -2.34 -5.59
C VAL B 138 -16.84 -1.63 -4.22
N ASP B 139 -18.04 -1.33 -3.72
CA ASP B 139 -18.23 -0.64 -2.44
C ASP B 139 -17.71 0.78 -2.47
N HIS B 140 -17.72 1.38 -3.67
CA HIS B 140 -17.31 2.77 -3.80
C HIS B 140 -18.32 3.68 -3.10
N PRO B 141 -17.88 4.56 -2.22
CA PRO B 141 -18.81 5.46 -1.52
C PRO B 141 -19.21 6.71 -2.29
N GLY B 142 -18.71 6.90 -3.51
CA GLY B 142 -19.06 8.08 -4.27
C GLY B 142 -18.29 9.34 -3.92
N VAL B 143 -17.16 9.21 -3.22
CA VAL B 143 -16.25 10.32 -2.97
C VAL B 143 -14.84 9.85 -3.30
N SER B 144 -13.94 10.80 -3.48
CA SER B 144 -12.60 10.52 -4.00
C SER B 144 -11.66 10.11 -2.88
N ASN B 145 -10.49 9.59 -3.29
CA ASN B 145 -9.43 9.31 -2.32
C ASN B 145 -9.05 10.54 -1.53
N GLN B 146 -8.84 11.67 -2.22
CA GLN B 146 -8.44 12.88 -1.50
C GLN B 146 -9.50 13.28 -0.46
N PHE B 147 -10.79 13.14 -0.80
CA PHE B 147 -11.84 13.42 0.17
C PHE B 147 -11.71 12.50 1.38
N LEU B 148 -11.59 11.20 1.14
CA LEU B 148 -11.44 10.26 2.24
C LEU B 148 -10.21 10.57 3.09
N ILE B 149 -9.13 11.01 2.45
CA ILE B 149 -7.91 11.34 3.20
C ILE B 149 -8.12 12.60 4.03
N ASN B 150 -8.63 13.65 3.40
CA ASN B 150 -8.73 14.94 4.08
C ASN B 150 -9.82 14.97 5.15
N THR B 151 -10.74 14.01 5.14
CA THR B 151 -11.76 13.94 6.18
C THR B 151 -11.41 12.92 7.27
N ASN B 152 -10.20 12.37 7.23
CA ASN B 152 -9.75 11.41 8.26
C ASN B 152 -10.70 10.22 8.35
N SER B 153 -11.11 9.71 7.19
CA SER B 153 -12.04 8.60 7.13
C SER B 153 -11.41 7.33 7.69
N GLU B 154 -12.29 6.41 8.10
CA GLU B 154 -11.85 5.09 8.53
C GLU B 154 -11.09 4.37 7.42
N LEU B 155 -11.54 4.53 6.17
CA LEU B 155 -10.85 3.90 5.04
C LEU B 155 -9.43 4.42 4.88
N ALA B 156 -9.25 5.74 4.98
CA ALA B 156 -7.91 6.29 4.84
C ALA B 156 -7.04 5.94 6.03
N LEU B 157 -7.63 5.80 7.22
CA LEU B 157 -6.87 5.32 8.39
C LEU B 157 -6.42 3.89 8.17
N MET B 158 -7.29 3.06 7.59
CA MET B 158 -6.92 1.67 7.37
C MET B 158 -5.78 1.56 6.37
N TYR B 159 -5.81 2.38 5.33
CA TYR B 159 -4.94 2.20 4.18
C TYR B 159 -3.84 3.24 4.11
N ASN B 160 -3.63 4.03 5.18
CA ASN B 160 -2.46 4.91 5.26
C ASN B 160 -2.39 5.85 4.06
N ASP B 161 -3.55 6.37 3.67
CA ASP B 161 -3.72 7.39 2.64
C ASP B 161 -3.24 6.94 1.25
N SER B 162 -2.95 5.67 1.04
CA SER B 162 -2.31 5.22 -0.20
C SER B 162 -3.30 4.35 -0.97
N SER B 163 -3.70 4.81 -2.18
CA SER B 163 -4.70 4.12 -3.02
C SER B 163 -5.84 3.59 -2.16
N VAL B 164 -6.44 4.49 -1.39
CA VAL B 164 -7.37 4.08 -0.34
C VAL B 164 -8.55 3.30 -0.93
N LEU B 165 -9.25 3.89 -1.89
CA LEU B 165 -10.38 3.24 -2.54
C LEU B 165 -9.97 1.92 -3.19
N GLU B 166 -8.89 1.95 -3.97
CA GLU B 166 -8.56 0.79 -4.79
C GLU B 166 -8.13 -0.40 -3.93
N ASN B 167 -7.42 -0.13 -2.82
CA ASN B 167 -7.14 -1.22 -1.88
C ASN B 167 -8.42 -1.80 -1.32
N HIS B 168 -9.39 -0.93 -1.01
CA HIS B 168 -10.68 -1.38 -0.48
C HIS B 168 -11.45 -2.19 -1.51
N HIS B 169 -11.50 -1.70 -2.77
CA HIS B 169 -12.22 -2.46 -3.79
C HIS B 169 -11.67 -3.87 -3.89
N LEU B 170 -10.34 -3.98 -3.94
CA LEU B 170 -9.69 -5.29 -3.98
C LEU B 170 -10.08 -6.16 -2.79
N ALA B 171 -9.96 -5.62 -1.57
CA ALA B 171 -10.21 -6.42 -0.38
C ALA B 171 -11.66 -6.91 -0.36
N VAL B 172 -12.60 -6.05 -0.76
CA VAL B 172 -14.00 -6.51 -0.81
C VAL B 172 -14.20 -7.56 -1.89
N GLY B 173 -13.70 -7.30 -3.10
CA GLY B 173 -13.90 -8.25 -4.20
C GLY B 173 -13.39 -9.63 -3.88
N PHE B 174 -12.22 -9.71 -3.26
CA PHE B 174 -11.65 -11.00 -2.87
C PHE B 174 -12.40 -11.60 -1.67
N LYS B 175 -12.78 -10.77 -0.70
CA LYS B 175 -13.44 -11.31 0.47
C LYS B 175 -14.76 -11.98 0.11
N LEU B 176 -15.46 -11.43 -0.89
CA LEU B 176 -16.75 -11.99 -1.29
C LEU B 176 -16.63 -13.41 -1.84
N LEU B 177 -15.45 -13.78 -2.38
CA LEU B 177 -15.23 -15.17 -2.79
C LEU B 177 -15.39 -16.17 -1.65
N GLN B 178 -15.30 -15.71 -0.40
CA GLN B 178 -15.39 -16.60 0.75
C GLN B 178 -16.82 -16.81 1.23
N GLU B 179 -17.80 -16.12 0.64
CA GLU B 179 -19.19 -16.35 1.00
C GLU B 179 -19.66 -17.69 0.42
N GLU B 180 -20.78 -18.19 0.94
CA GLU B 180 -21.23 -19.54 0.57
C GLU B 180 -21.49 -19.65 -0.93
N ASN B 181 -20.89 -20.68 -1.54
CA ASN B 181 -21.03 -20.97 -2.97
C ASN B 181 -20.56 -19.80 -3.84
N CYS B 182 -19.55 -19.06 -3.40
CA CYS B 182 -19.04 -17.91 -4.15
C CYS B 182 -17.62 -18.08 -4.68
N ASP B 183 -16.94 -19.21 -4.40
CA ASP B 183 -15.54 -19.30 -4.80
C ASP B 183 -15.45 -19.76 -6.25
N ILE B 184 -15.48 -18.80 -7.17
CA ILE B 184 -15.42 -19.13 -8.59
C ILE B 184 -14.06 -19.66 -9.01
N PHE B 185 -13.03 -19.50 -8.17
CA PHE B 185 -11.70 -19.98 -8.48
C PHE B 185 -11.38 -21.30 -7.78
N GLN B 186 -12.40 -21.99 -7.26
CA GLN B 186 -12.17 -23.19 -6.46
C GLN B 186 -11.43 -24.28 -7.22
N ASN B 187 -11.51 -24.29 -8.56
CA ASN B 187 -10.88 -25.35 -9.34
C ASN B 187 -9.65 -24.88 -10.10
N LEU B 188 -9.15 -23.69 -9.79
CA LEU B 188 -7.83 -23.30 -10.26
C LEU B 188 -6.78 -23.99 -9.41
N THR B 189 -5.61 -24.26 -10.00
CA THR B 189 -4.55 -24.82 -9.19
C THR B 189 -4.05 -23.80 -8.19
N LYS B 190 -3.33 -24.30 -7.18
CA LYS B 190 -2.80 -23.41 -6.14
C LYS B 190 -1.95 -22.31 -6.76
N LYS B 191 -1.13 -22.66 -7.75
CA LYS B 191 -0.29 -21.66 -8.41
C LYS B 191 -1.13 -20.69 -9.23
N GLN B 192 -2.15 -21.20 -9.92
CA GLN B 192 -3.00 -20.33 -10.72
C GLN B 192 -3.67 -19.28 -9.85
N ARG B 193 -4.17 -19.69 -8.67
CA ARG B 193 -4.83 -18.73 -7.79
C ARG B 193 -3.86 -17.66 -7.31
N GLN B 194 -2.62 -18.05 -6.96
CA GLN B 194 -1.61 -17.07 -6.55
C GLN B 194 -1.29 -16.09 -7.67
N SER B 195 -1.12 -16.60 -8.89
CA SER B 195 -0.82 -15.74 -10.03
C SER B 195 -1.97 -14.80 -10.33
N LEU B 196 -3.19 -15.34 -10.41
CA LEU B 196 -4.36 -14.51 -10.68
C LEU B 196 -4.49 -13.41 -9.65
N ARG B 197 -4.39 -13.78 -8.37
CA ARG B 197 -4.50 -12.80 -7.30
C ARG B 197 -3.51 -11.66 -7.50
N LYS B 198 -2.25 -12.00 -7.81
CA LYS B 198 -1.25 -10.95 -7.98
C LYS B 198 -1.59 -10.04 -9.14
N MET B 199 -2.00 -10.62 -10.27
CA MET B 199 -2.33 -9.79 -11.42
C MET B 199 -3.54 -8.91 -11.14
N VAL B 200 -4.59 -9.46 -10.52
CA VAL B 200 -5.77 -8.65 -10.22
C VAL B 200 -5.40 -7.45 -9.34
N ILE B 201 -4.57 -7.68 -8.31
CA ILE B 201 -4.13 -6.60 -7.44
C ILE B 201 -3.34 -5.56 -8.23
N ASP B 202 -2.38 -6.01 -9.03
CA ASP B 202 -1.60 -5.08 -9.84
C ASP B 202 -2.49 -4.24 -10.75
N ILE B 203 -3.55 -4.85 -11.32
CA ILE B 203 -4.41 -4.13 -12.24
C ILE B 203 -5.29 -3.14 -11.50
N VAL B 204 -5.95 -3.57 -10.42
CA VAL B 204 -6.90 -2.65 -9.76
C VAL B 204 -6.17 -1.50 -9.11
N LEU B 205 -5.00 -1.77 -8.49
CA LEU B 205 -4.23 -0.66 -7.93
C LEU B 205 -3.88 0.36 -8.99
N ALA B 206 -3.69 -0.09 -10.24
CA ALA B 206 -3.34 0.82 -11.31
C ALA B 206 -4.51 1.71 -11.73
N THR B 207 -5.74 1.42 -11.28
CA THR B 207 -6.85 2.28 -11.66
C THR B 207 -6.95 3.53 -10.77
N ASP B 208 -6.11 3.66 -9.75
CA ASP B 208 -6.00 4.88 -8.96
C ASP B 208 -5.63 6.04 -9.88
N MET B 209 -6.50 7.08 -9.95
CA MET B 209 -6.26 8.14 -10.92
C MET B 209 -4.98 8.92 -10.64
N SER B 210 -4.48 8.89 -9.41
CA SER B 210 -3.22 9.58 -9.13
C SER B 210 -2.04 8.93 -9.84
N LYS B 211 -2.18 7.69 -10.29
CA LYS B 211 -1.13 6.98 -11.02
C LYS B 211 -1.23 7.14 -12.53
N HIS B 212 -2.16 7.96 -13.01
CA HIS B 212 -2.40 8.05 -14.46
C HIS B 212 -1.15 8.48 -15.23
N MET B 213 -0.49 9.54 -14.79
CA MET B 213 0.66 10.04 -15.53
C MET B 213 1.79 9.02 -15.59
N ASN B 214 2.07 8.33 -14.47
CA ASN B 214 3.12 7.32 -14.48
C ASN B 214 2.74 6.15 -15.38
N LEU B 215 1.47 5.75 -15.35
CA LEU B 215 1.01 4.66 -16.21
C LEU B 215 1.15 5.05 -17.68
N LEU B 216 0.74 6.27 -18.01
CA LEU B 216 0.80 6.71 -19.39
C LEU B 216 2.23 6.86 -19.86
N ALA B 217 3.12 7.33 -18.98
CA ALA B 217 4.53 7.44 -19.34
C ALA B 217 5.10 6.07 -19.72
N ASP B 218 4.71 5.03 -18.99
CA ASP B 218 5.22 3.71 -19.29
C ASP B 218 4.59 3.12 -20.54
N LEU B 219 3.31 3.44 -20.79
CA LEU B 219 2.69 3.01 -22.04
C LEU B 219 3.40 3.64 -23.22
N LYS B 220 3.81 4.91 -23.09
CA LYS B 220 4.54 5.56 -24.18
C LYS B 220 5.88 4.89 -24.43
N THR B 221 6.63 4.61 -23.36
CA THR B 221 7.91 3.92 -23.51
C THR B 221 7.73 2.60 -24.25
N MET B 222 6.69 1.84 -23.89
CA MET B 222 6.43 0.59 -24.57
C MET B 222 6.10 0.79 -26.04
N VAL B 223 5.31 1.83 -26.36
CA VAL B 223 4.98 2.10 -27.76
C VAL B 223 6.24 2.38 -28.57
N GLU B 224 7.18 3.15 -27.99
CA GLU B 224 8.41 3.47 -28.71
C GLU B 224 9.27 2.23 -28.97
N THR B 225 9.15 1.20 -28.14
CA THR B 225 9.92 -0.02 -28.28
C THR B 225 9.08 -1.18 -28.78
N LYS B 226 7.87 -0.91 -29.25
CA LYS B 226 6.94 -1.97 -29.65
C LYS B 226 7.54 -2.87 -30.72
N LYS B 227 7.40 -4.18 -30.51
CA LYS B 227 7.73 -5.20 -31.51
C LYS B 227 6.47 -6.00 -31.82
N VAL B 228 6.23 -6.27 -33.10
CA VAL B 228 5.05 -7.01 -33.51
C VAL B 228 5.44 -8.03 -34.59
N THR B 229 4.58 -9.04 -34.74
CA THR B 229 4.75 -10.05 -35.77
C THR B 229 3.72 -9.86 -36.87
N LEU B 235 4.21 -8.12 -29.58
CA LEU B 235 5.17 -9.04 -28.91
C LEU B 235 5.70 -8.53 -27.57
N LEU B 236 5.23 -9.16 -26.49
CA LEU B 236 5.56 -8.74 -25.12
C LEU B 236 6.20 -9.92 -24.40
N ASP B 237 7.49 -9.83 -24.16
CA ASP B 237 8.17 -11.03 -23.70
C ASP B 237 8.20 -11.20 -22.19
N ASN B 238 8.18 -10.11 -21.43
CA ASN B 238 8.36 -10.21 -19.98
C ASN B 238 7.09 -9.78 -19.27
N TYR B 239 6.87 -10.40 -18.10
CA TYR B 239 5.66 -10.14 -17.33
C TYR B 239 5.50 -8.66 -17.03
N SER B 240 6.60 -7.94 -16.82
CA SER B 240 6.51 -6.52 -16.52
C SER B 240 5.80 -5.78 -17.65
N ASP B 241 6.17 -6.07 -18.90
CA ASP B 241 5.52 -5.41 -20.03
C ASP B 241 4.06 -5.84 -20.15
N ARG B 242 3.78 -7.14 -20.00
CA ARG B 242 2.41 -7.61 -20.16
C ARG B 242 1.48 -7.06 -19.08
N ILE B 243 1.91 -7.07 -17.83
CA ILE B 243 1.01 -6.53 -16.80
C ILE B 243 0.80 -5.04 -17.02
N GLN B 244 1.82 -4.32 -17.50
CA GLN B 244 1.66 -2.91 -17.81
C GLN B 244 0.62 -2.71 -18.91
N VAL B 245 0.61 -3.57 -19.93
CA VAL B 245 -0.44 -3.44 -20.95
C VAL B 245 -1.81 -3.67 -20.35
N LEU B 246 -1.92 -4.66 -19.44
CA LEU B 246 -3.21 -4.95 -18.83
C LEU B 246 -3.63 -3.84 -17.89
N GLN B 247 -2.68 -3.26 -17.16
CA GLN B 247 -2.98 -2.09 -16.34
C GLN B 247 -3.50 -0.95 -17.19
N ASN B 248 -2.80 -0.66 -18.30
CA ASN B 248 -3.25 0.43 -19.15
C ASN B 248 -4.55 0.11 -19.85
N MET B 249 -4.79 -1.17 -20.19
CA MET B 249 -6.04 -1.57 -20.84
C MET B 249 -7.24 -1.34 -19.93
N VAL B 250 -7.12 -1.75 -18.65
CA VAL B 250 -8.25 -1.55 -17.76
C VAL B 250 -8.40 -0.08 -17.43
N HIS B 251 -7.29 0.66 -17.39
CA HIS B 251 -7.38 2.10 -17.18
C HIS B 251 -8.06 2.78 -18.35
N CYS B 252 -7.74 2.34 -19.58
CA CYS B 252 -8.45 2.83 -20.76
C CYS B 252 -9.94 2.54 -20.68
N ALA B 253 -10.28 1.30 -20.29
CA ALA B 253 -11.69 0.92 -20.16
C ALA B 253 -12.39 1.76 -19.11
N ASP B 254 -11.71 2.03 -18.00
CA ASP B 254 -12.24 2.89 -16.94
C ASP B 254 -12.48 4.32 -17.43
N LEU B 255 -11.64 4.80 -18.34
CA LEU B 255 -11.75 6.13 -18.92
C LEU B 255 -12.27 6.06 -20.36
N SER B 256 -13.21 5.16 -20.63
CA SER B 256 -13.69 4.99 -21.99
C SER B 256 -15.01 5.70 -22.26
N ASN B 257 -15.65 6.31 -21.27
CA ASN B 257 -16.92 6.96 -21.57
C ASN B 257 -16.84 7.98 -22.71
N PRO B 258 -15.85 8.87 -22.79
CA PRO B 258 -15.83 9.85 -23.89
C PRO B 258 -15.54 9.24 -25.25
N THR B 259 -15.13 7.98 -25.33
CA THR B 259 -14.93 7.30 -26.62
C THR B 259 -16.15 6.51 -27.09
N LYS B 260 -17.22 6.46 -26.29
CA LYS B 260 -18.45 5.76 -26.64
C LYS B 260 -19.36 6.65 -27.47
N PRO B 261 -20.36 6.06 -28.14
CA PRO B 261 -21.38 6.88 -28.83
C PRO B 261 -21.93 7.97 -27.92
N LEU B 262 -22.24 9.13 -28.52
CA LEU B 262 -22.48 10.34 -27.74
C LEU B 262 -23.63 10.18 -26.75
N GLN B 263 -24.69 9.48 -27.15
CA GLN B 263 -25.82 9.31 -26.24
C GLN B 263 -25.40 8.57 -24.96
N LEU B 264 -24.47 7.62 -25.09
CA LEU B 264 -23.91 6.96 -23.91
C LEU B 264 -23.03 7.91 -23.11
N TYR B 265 -22.11 8.58 -23.78
CA TYR B 265 -21.18 9.48 -23.10
C TYR B 265 -21.93 10.55 -22.31
N ARG B 266 -23.00 11.09 -22.89
CA ARG B 266 -23.75 12.14 -22.20
C ARG B 266 -24.41 11.60 -20.94
N GLN B 267 -24.93 10.37 -20.97
CA GLN B 267 -25.50 9.77 -19.76
C GLN B 267 -24.44 9.57 -18.68
N TRP B 268 -23.26 9.08 -19.07
CA TRP B 268 -22.19 8.93 -18.10
C TRP B 268 -21.78 10.29 -17.53
N THR B 269 -21.73 11.32 -18.37
CA THR B 269 -21.37 12.64 -17.86
C THR B 269 -22.40 13.19 -16.88
N ASP B 270 -23.70 13.00 -17.18
CA ASP B 270 -24.74 13.43 -16.24
C ASP B 270 -24.58 12.75 -14.89
N ARG B 271 -24.22 11.46 -14.92
CA ARG B 271 -24.10 10.69 -13.68
C ARG B 271 -22.89 11.13 -12.86
N ILE B 272 -21.72 11.27 -13.49
CA ILE B 272 -20.55 11.62 -12.68
C ILE B 272 -20.65 13.06 -12.18
N MET B 273 -21.32 13.94 -12.94
CA MET B 273 -21.49 15.30 -12.44
C MET B 273 -22.38 15.33 -11.21
N GLU B 274 -23.40 14.46 -11.17
CA GLU B 274 -24.21 14.37 -9.97
C GLU B 274 -23.36 13.93 -8.78
N GLU B 275 -22.48 12.96 -9.02
CA GLU B 275 -21.65 12.44 -7.94
C GLU B 275 -20.63 13.48 -7.49
N PHE B 276 -19.98 14.14 -8.45
CA PHE B 276 -19.03 15.20 -8.14
C PHE B 276 -19.69 16.34 -7.38
N PHE B 277 -20.88 16.78 -7.84
CA PHE B 277 -21.52 17.89 -7.17
C PHE B 277 -21.91 17.55 -5.75
N ARG B 278 -22.36 16.30 -5.50
CA ARG B 278 -22.64 15.91 -4.13
C ARG B 278 -21.38 15.87 -3.28
N GLN B 279 -20.23 15.45 -3.85
CA GLN B 279 -19.00 15.55 -3.07
C GLN B 279 -18.62 17.00 -2.79
N GLY B 280 -18.75 17.88 -3.79
CA GLY B 280 -18.40 19.27 -3.57
C GLY B 280 -19.27 19.97 -2.56
N ASP B 281 -20.55 19.59 -2.49
CA ASP B 281 -21.41 20.07 -1.43
C ASP B 281 -20.83 19.71 -0.06
N ARG B 282 -20.33 18.48 0.09
CA ARG B 282 -19.77 18.07 1.37
C ARG B 282 -18.46 18.80 1.66
N GLU B 283 -17.64 19.06 0.65
CA GLU B 283 -16.39 19.79 0.87
C GLU B 283 -16.67 21.22 1.28
N ARG B 284 -17.63 21.87 0.62
CA ARG B 284 -18.00 23.22 0.99
C ARG B 284 -18.47 23.27 2.44
N GLU B 285 -19.40 22.38 2.80
CA GLU B 285 -19.95 22.41 4.15
C GLU B 285 -18.87 22.17 5.18
N ARG B 286 -17.88 21.35 4.86
CA ARG B 286 -16.78 21.09 5.78
C ARG B 286 -15.73 22.19 5.78
N GLY B 287 -15.84 23.17 4.87
CA GLY B 287 -14.84 24.19 4.76
C GLY B 287 -13.57 23.76 4.09
N MET B 288 -13.63 22.69 3.28
CA MET B 288 -12.51 22.21 2.51
C MET B 288 -12.46 22.88 1.15
N GLU B 289 -11.28 22.85 0.54
CA GLU B 289 -11.17 23.24 -0.87
C GLU B 289 -12.05 22.32 -1.69
N ILE B 290 -12.82 22.90 -2.61
CA ILE B 290 -13.69 22.10 -3.47
C ILE B 290 -12.86 21.50 -4.59
N SER B 291 -13.02 20.20 -4.79
CA SER B 291 -12.26 19.49 -5.79
C SER B 291 -12.64 19.95 -7.19
N PRO B 292 -11.73 19.79 -8.16
CA PRO B 292 -12.05 20.16 -9.54
C PRO B 292 -13.35 19.49 -10.00
N MET B 293 -14.19 20.28 -10.69
CA MET B 293 -15.46 19.87 -11.27
C MET B 293 -16.55 19.62 -10.24
N CYS B 294 -16.30 19.84 -8.96
CA CYS B 294 -17.26 19.48 -7.91
C CYS B 294 -18.06 20.67 -7.41
N ASP B 295 -17.77 21.88 -7.88
CA ASP B 295 -18.44 23.07 -7.38
C ASP B 295 -19.61 23.38 -8.32
N LYS B 296 -20.82 23.01 -7.90
CA LYS B 296 -21.99 23.21 -8.74
C LYS B 296 -22.29 24.69 -8.97
N HIS B 297 -21.80 25.58 -8.12
CA HIS B 297 -22.03 27.00 -8.28
C HIS B 297 -21.02 27.68 -9.20
N ASN B 298 -19.97 26.98 -9.61
CA ASN B 298 -18.99 27.53 -10.53
C ASN B 298 -18.55 26.46 -11.51
N ALA B 299 -19.51 25.68 -12.02
CA ALA B 299 -19.21 24.57 -12.91
C ALA B 299 -19.44 24.97 -14.36
N SER B 300 -18.65 24.38 -15.26
CA SER B 300 -18.96 24.38 -16.68
C SER B 300 -18.76 22.95 -17.14
N VAL B 301 -19.84 22.18 -17.18
CA VAL B 301 -19.72 20.76 -17.52
C VAL B 301 -19.07 20.61 -18.89
N GLU B 302 -19.43 21.47 -19.82
CA GLU B 302 -18.95 21.33 -21.20
C GLU B 302 -17.47 21.66 -21.30
N LYS B 303 -17.04 22.78 -20.70
CA LYS B 303 -15.62 23.09 -20.68
C LYS B 303 -14.84 22.00 -19.95
N SER B 304 -15.41 21.46 -18.86
CA SER B 304 -14.76 20.37 -18.15
C SER B 304 -14.58 19.16 -19.05
N GLN B 305 -15.55 18.88 -19.93
CA GLN B 305 -15.43 17.70 -20.79
C GLN B 305 -14.34 17.88 -21.82
N VAL B 306 -14.24 19.07 -22.41
CA VAL B 306 -13.16 19.31 -23.37
C VAL B 306 -11.81 19.23 -22.67
N GLY B 307 -11.71 19.79 -21.45
CA GLY B 307 -10.45 19.70 -20.73
C GLY B 307 -10.12 18.28 -20.35
N PHE B 308 -11.12 17.52 -19.91
CA PHE B 308 -10.93 16.12 -19.56
C PHE B 308 -10.39 15.33 -20.75
N ILE B 309 -10.98 15.56 -21.93
CA ILE B 309 -10.53 14.82 -23.11
C ILE B 309 -9.14 15.28 -23.52
N ASP B 310 -8.92 16.59 -23.59
CA ASP B 310 -7.66 17.10 -24.09
C ASP B 310 -6.48 16.66 -23.22
N TYR B 311 -6.66 16.67 -21.89
CA TYR B 311 -5.54 16.49 -20.98
C TYR B 311 -5.39 15.07 -20.45
N ILE B 312 -6.47 14.29 -20.38
CA ILE B 312 -6.41 12.94 -19.81
C ILE B 312 -6.76 11.88 -20.84
N VAL B 313 -7.96 11.96 -21.42
CA VAL B 313 -8.52 10.83 -22.17
C VAL B 313 -7.87 10.69 -23.54
N HIS B 314 -7.71 11.80 -24.26
CA HIS B 314 -7.15 11.67 -25.60
C HIS B 314 -5.66 11.35 -25.58
N PRO B 315 -4.83 11.95 -24.70
CA PRO B 315 -3.43 11.49 -24.62
C PRO B 315 -3.32 10.01 -24.32
N LEU B 316 -4.16 9.50 -23.42
CA LEU B 316 -4.16 8.07 -23.11
C LEU B 316 -4.58 7.24 -24.32
N TRP B 317 -5.72 7.59 -24.92
CA TRP B 317 -6.24 6.76 -26.00
C TRP B 317 -5.43 6.89 -27.28
N GLU B 318 -4.76 8.03 -27.50
CA GLU B 318 -3.91 8.13 -28.67
C GLU B 318 -2.72 7.19 -28.54
N THR B 319 -2.24 7.03 -27.32
CA THR B 319 -1.12 6.13 -27.09
C THR B 319 -1.56 4.67 -27.22
N TRP B 320 -2.68 4.31 -26.59
CA TRP B 320 -3.23 2.97 -26.78
C TRP B 320 -3.44 2.64 -28.26
N ALA B 321 -4.00 3.59 -29.02
CA ALA B 321 -4.25 3.34 -30.43
C ALA B 321 -2.93 3.12 -31.19
N ASP B 322 -1.88 3.83 -30.81
CA ASP B 322 -0.57 3.60 -31.41
C ASP B 322 -0.08 2.20 -31.09
N LEU B 323 -0.32 1.74 -29.85
CA LEU B 323 0.12 0.41 -29.46
C LEU B 323 -0.55 -0.68 -30.29
N VAL B 324 -1.84 -0.51 -30.61
CA VAL B 324 -2.62 -1.58 -31.20
C VAL B 324 -2.96 -1.30 -32.66
N HIS B 325 -2.27 -0.33 -33.27
CA HIS B 325 -2.53 0.15 -34.62
C HIS B 325 -2.86 -0.97 -35.60
N PRO B 326 -3.98 -0.89 -36.34
CA PRO B 326 -5.01 0.17 -36.38
C PRO B 326 -6.33 -0.22 -35.72
N ASP B 327 -6.31 -1.18 -34.78
CA ASP B 327 -7.53 -1.78 -34.26
C ASP B 327 -8.39 -0.77 -33.51
N ALA B 328 -7.79 0.28 -32.98
CA ALA B 328 -8.51 1.24 -32.13
C ALA B 328 -8.93 2.49 -32.88
N GLN B 329 -8.87 2.46 -34.21
CA GLN B 329 -9.14 3.67 -34.97
C GLN B 329 -10.58 4.13 -34.81
N ASP B 330 -11.52 3.18 -34.78
CA ASP B 330 -12.92 3.58 -34.67
C ASP B 330 -13.22 4.16 -33.29
N ILE B 331 -12.50 3.68 -32.27
CA ILE B 331 -12.69 4.20 -30.92
C ILE B 331 -12.15 5.62 -30.81
N LEU B 332 -10.96 5.85 -31.35
CA LEU B 332 -10.37 7.18 -31.30
C LEU B 332 -11.19 8.18 -32.12
N ASP B 333 -11.69 7.73 -33.28
CA ASP B 333 -12.58 8.55 -34.09
C ASP B 333 -13.76 9.05 -33.26
N THR B 334 -14.42 8.14 -32.56
CA THR B 334 -15.58 8.53 -31.75
C THR B 334 -15.17 9.52 -30.68
N LEU B 335 -14.04 9.28 -29.99
CA LEU B 335 -13.54 10.24 -29.01
C LEU B 335 -13.35 11.63 -29.60
N GLU B 336 -12.75 11.70 -30.79
CA GLU B 336 -12.48 12.99 -31.38
C GLU B 336 -13.77 13.68 -31.84
N ASP B 337 -14.74 12.90 -32.33
CA ASP B 337 -16.03 13.48 -32.69
C ASP B 337 -16.73 14.03 -31.46
N ASN B 338 -16.63 13.30 -30.33
CA ASN B 338 -17.32 13.72 -29.12
C ASN B 338 -16.69 14.97 -28.54
N ARG B 339 -15.35 15.09 -28.67
CA ARG B 339 -14.69 16.29 -28.21
C ARG B 339 -15.12 17.49 -29.05
N GLU B 340 -15.17 17.31 -30.37
CA GLU B 340 -15.63 18.37 -31.27
C GLU B 340 -17.04 18.81 -30.90
N TRP B 341 -17.92 17.86 -30.58
CA TRP B 341 -19.29 18.22 -30.22
C TRP B 341 -19.36 18.99 -28.91
N TYR B 342 -18.68 18.49 -27.88
CA TYR B 342 -18.71 19.23 -26.63
C TYR B 342 -18.16 20.63 -26.80
N GLN B 343 -17.09 20.78 -27.58
CA GLN B 343 -16.58 22.12 -27.84
C GLN B 343 -17.65 23.01 -28.47
N SER B 344 -18.46 22.44 -29.37
CA SER B 344 -19.46 23.27 -30.03
C SER B 344 -20.59 23.68 -29.09
N THR B 345 -20.76 22.99 -27.95
CA THR B 345 -21.76 23.39 -26.97
C THR B 345 -21.29 24.53 -26.08
N ILE B 346 -20.04 24.96 -26.21
CA ILE B 346 -19.55 26.10 -25.46
C ILE B 346 -19.81 27.35 -26.29
ZN ZN C . 10.94 -4.17 14.12
MG MG D . 8.49 -4.80 11.48
C4 JU3 E . 17.89 -10.22 15.56
C14 JU3 E . 12.62 -10.48 9.93
C5 JU3 E . 17.24 -10.41 14.37
C6 JU3 E . 17.48 -11.49 13.51
C11 JU3 E . 15.30 -11.04 9.52
C7 JU3 E . 15.60 -9.62 12.89
C8 JU3 E . 15.78 -10.60 11.98
C9 JU3 E . 16.76 -11.64 12.27
C10 JU3 E . 14.88 -10.65 10.79
C12 JU3 E . 14.40 -11.09 8.42
C13 JU3 E . 13.06 -10.81 8.66
C3 JU3 E . 18.84 -11.15 15.94
C1 JU3 E . 18.47 -12.42 13.92
C15 JU3 E . 13.51 -10.41 10.98
C16 JU3 E . 14.86 -11.46 7.01
C17 JU3 E . 15.88 -12.56 6.91
C18 JU3 E . 16.07 -13.40 5.90
C19 JU3 E . 17.34 -14.19 5.74
C2 JU3 E . 19.15 -12.26 15.12
C20 JU3 E . 15.05 -13.63 4.83
O1 JU3 E . 16.30 -9.46 14.04
O2 JU3 E . 16.97 -12.60 11.49
O3 JU3 E . 18.75 -13.48 13.13
O4 JU3 E . 19.48 -10.99 17.13
O5 JU3 E . 12.16 -10.87 7.64
O6 JU3 E . 16.63 -11.29 9.32
C1 EDO F . 10.74 -15.51 8.92
O1 EDO F . 10.29 -14.68 7.84
C2 EDO F . 12.25 -15.72 8.78
O2 EDO F . 12.55 -16.23 7.46
C1 EDO G . 2.57 8.37 2.37
O1 EDO G . 3.43 8.97 1.40
C2 EDO G . 1.12 8.61 2.01
O2 EDO G . 0.80 9.98 2.26
ZN ZN H . -13.98 2.95 -12.31
MG MG I . -11.93 3.48 -9.24
C4 JU3 J . -16.91 10.23 -17.26
C14 JU3 J . -12.16 10.32 -11.20
C5 JU3 J . -15.91 10.55 -16.35
C6 JU3 J . -15.48 11.86 -16.11
C11 JU3 J . -11.87 12.07 -13.33
C7 JU3 J . -14.37 9.74 -14.78
C8 JU3 J . -13.85 10.95 -14.48
C9 JU3 J . -14.43 12.14 -15.15
C10 JU3 J . -12.86 11.08 -13.39
C12 JU3 J . -10.99 12.17 -12.23
C13 JU3 J . -11.16 11.29 -11.17
C3 JU3 J . -17.51 11.28 -17.93
C1 JU3 J . -16.11 12.90 -16.84
C15 JU3 J . -13.00 10.23 -12.29
C16 JU3 J . -9.91 13.23 -12.20
C17 JU3 J . -8.57 12.79 -12.71
C18 JU3 J . -7.72 13.53 -13.40
C19 JU3 J . -8.07 14.87 -13.97
C2 JU3 J . -17.13 12.61 -17.73
C20 JU3 J . -6.30 13.08 -13.66
O1 JU3 J . -15.34 9.49 -15.68
O2 JU3 J . -14.05 13.30 -14.93
O3 JU3 J . -15.75 14.18 -16.61
O4 JU3 J . -18.51 11.03 -18.82
O5 JU3 J . -10.34 11.34 -10.09
O6 JU3 J . -11.69 12.95 -14.37
C1 EDO K . -13.12 15.07 -8.91
O1 EDO K . -12.19 16.16 -8.74
C2 EDO K . -13.27 14.28 -7.60
O2 EDO K . -11.97 13.86 -7.18
C1 EDO L . -27.64 21.06 -28.79
O1 EDO L . -28.07 20.03 -29.71
C2 EDO L . -27.00 20.47 -27.53
O2 EDO L . -27.78 19.33 -27.15
C1 EDO M . 1.23 -7.02 -5.41
O1 EDO M . 1.63 -7.49 -6.70
C2 EDO M . 0.56 -8.14 -4.64
O2 EDO M . 1.41 -9.30 -4.63
#